data_6HA7
#
_entry.id   6HA7
#
_cell.length_a   58.420
_cell.length_b   60.960
_cell.length_c   96.110
_cell.angle_alpha   81.13
_cell.angle_beta   88.33
_cell.angle_gamma   74.33
#
_symmetry.space_group_name_H-M   'P 1'
#
loop_
_entity.id
_entity.type
_entity.pdbx_description
1 polymer 'Endoplasmic reticulum chaperone BiP'
2 polymer 'Mesencephalic astrocyte-derived neurotrophic factor'
3 non-polymer 1,2-ETHANEDIOL
4 water water
#
loop_
_entity_poly.entity_id
_entity_poly.type
_entity_poly.pdbx_seq_one_letter_code
_entity_poly.pdbx_strand_id
1 'polypeptide(L)'
;SGTVVGIDLGTTYSCVGVFKNGRVEIIANDQGNRITPSYVAFTPEGERLIGDAAKNQLTSNPENTVFDAKRLIGRTWNDP
SVQQDIKFLPFKVVEKKTKPYIQVDIGGGQTKTFAPEEISAMVLTKMKETAEAYLGKKVTHAVVTVPAYFNDAQRQATKD
AGTIAGLNVMRIINEPTAAAIAYGLDKREGEKNILVFDLGGGTFDVSLLTIDNGVFEVVATNGDTHLGGEDFDQRVMEHF
IKLYKKKTGKDVRKDNRAVQKLRREVEKAKRALSSQHQARIEIESFFEGEDFSETLTRAKFEELNMDLFRSTMKPVQKVL
EDSDLKKSDIDEIVLVGGSTRIPKIQQLVKEFFNGKEPSRGINPDEAVAYGAAVQAGVLSGDQDTGD
;
A,B
2 'polypeptide(L)'
;LRPGDCEVCISYLGRFYQDLKDRDVTFSPATIEEELIKFCREARGKENRLCYYIGATDDAATKIINEVSKPLAHHIPVEK
ICEKLKKKDSQICELKYDNQIDLSTVDLKKLRVKELKKILDDWGEMCKGCAEKSDYIRKINELMPKYAPKAASARTDL
;
C,D
#
loop_
_chem_comp.id
_chem_comp.type
_chem_comp.name
_chem_comp.formula
EDO non-polymer 1,2-ETHANEDIOL 'C2 H6 O2'
#
# COMPACT_ATOMS: atom_id res chain seq x y z
N SER A 1 -1.09 1.08 2.25
CA SER A 1 -1.23 1.31 3.73
C SER A 1 -1.63 2.76 4.02
N GLY A 2 -1.07 3.71 3.26
CA GLY A 2 -1.32 5.15 3.44
C GLY A 2 -0.67 5.64 4.73
N THR A 3 -1.40 6.47 5.49
CA THR A 3 -1.02 6.80 6.85
C THR A 3 -1.67 5.78 7.79
N VAL A 4 -0.84 4.89 8.35
CA VAL A 4 -1.30 3.88 9.31
C VAL A 4 -1.27 4.53 10.70
N VAL A 5 -2.26 4.16 11.52
CA VAL A 5 -2.48 4.74 12.85
C VAL A 5 -2.25 3.66 13.91
N GLY A 6 -1.80 4.10 15.10
CA GLY A 6 -1.63 3.25 16.28
C GLY A 6 -2.80 3.46 17.25
N ILE A 7 -3.45 2.35 17.64
CA ILE A 7 -4.66 2.38 18.45
C ILE A 7 -4.46 1.50 19.70
N ASP A 8 -4.51 2.13 20.87
CA ASP A 8 -4.71 1.45 22.15
C ASP A 8 -6.22 1.24 22.32
N LEU A 9 -6.66 -0.01 22.12
CA LEU A 9 -8.05 -0.41 22.30
C LEU A 9 -8.21 -0.92 23.74
N GLY A 10 -8.40 0.01 24.67
CA GLY A 10 -8.41 -0.30 26.09
C GLY A 10 -9.78 -0.73 26.57
N THR A 11 -9.80 -1.37 27.74
CA THR A 11 -11.00 -1.92 28.34
C THR A 11 -12.00 -0.79 28.64
N THR A 12 -11.52 0.30 29.24
CA THR A 12 -12.37 1.44 29.65
C THR A 12 -12.16 2.64 28.72
N TYR A 13 -10.91 2.91 28.33
CA TYR A 13 -10.53 4.06 27.49
C TYR A 13 -9.72 3.56 26.29
N SER A 14 -9.88 4.25 25.15
CA SER A 14 -9.11 4.00 23.94
C SER A 14 -8.38 5.27 23.53
N CYS A 15 -7.28 5.10 22.80
CA CYS A 15 -6.38 6.19 22.41
C CYS A 15 -5.82 5.90 21.02
N VAL A 16 -5.62 6.97 20.24
CA VAL A 16 -5.19 6.86 18.85
C VAL A 16 -4.07 7.88 18.59
N GLY A 17 -3.07 7.44 17.83
CA GLY A 17 -1.89 8.25 17.53
C GLY A 17 -1.37 7.96 16.13
N VAL A 18 -0.48 8.84 15.65
CA VAL A 18 0.12 8.76 14.33
C VAL A 18 1.54 9.32 14.40
N PHE A 19 2.41 8.86 13.51
CA PHE A 19 3.79 9.31 13.41
C PHE A 19 3.91 10.26 12.21
N LYS A 20 4.39 11.48 12.47
CA LYS A 20 4.60 12.50 11.43
C LYS A 20 5.67 13.49 11.91
N ASN A 21 6.53 13.90 10.97
CA ASN A 21 7.62 14.87 11.20
C ASN A 21 8.56 14.33 12.28
N GLY A 22 8.82 13.02 12.26
CA GLY A 22 9.75 12.35 13.17
C GLY A 22 9.37 12.50 14.63
N ARG A 23 8.07 12.34 14.92
CA ARG A 23 7.56 12.36 16.29
C ARG A 23 6.13 11.81 16.29
N VAL A 24 5.67 11.39 17.47
CA VAL A 24 4.32 10.89 17.69
C VAL A 24 3.41 12.08 18.03
N GLU A 25 2.22 12.10 17.41
CA GLU A 25 1.15 13.02 17.77
C GLU A 25 -0.06 12.17 18.19
N ILE A 26 -0.46 12.30 19.46
CA ILE A 26 -1.68 11.67 19.96
C ILE A 26 -2.85 12.58 19.58
N ILE A 27 -3.84 12.01 18.88
CA ILE A 27 -4.90 12.78 18.23
C ILE A 27 -6.05 12.99 19.22
N ALA A 28 -6.49 14.25 19.35
CA ALA A 28 -7.64 14.63 20.14
C ALA A 28 -8.91 14.34 19.34
N ASN A 29 -9.94 13.83 20.02
CA ASN A 29 -11.27 13.61 19.44
C ASN A 29 -11.96 14.98 19.30
N ASP A 30 -13.20 14.98 18.82
CA ASP A 30 -13.92 16.22 18.47
C ASP A 30 -14.38 16.97 19.73
N GLN A 31 -14.23 16.36 20.91
CA GLN A 31 -14.51 17.01 22.21
C GLN A 31 -13.19 17.47 22.87
N GLY A 32 -12.06 17.26 22.18
CA GLY A 32 -10.75 17.79 22.58
C GLY A 32 -9.99 16.89 23.56
N ASN A 33 -10.42 15.62 23.66
CA ASN A 33 -9.84 14.65 24.60
C ASN A 33 -8.95 13.66 23.81
N ARG A 34 -7.76 13.39 24.36
CA ARG A 34 -6.75 12.53 23.74
C ARG A 34 -7.09 11.05 24.01
N ILE A 35 -7.91 10.80 25.05
CA ILE A 35 -8.46 9.48 25.31
C ILE A 35 -9.98 9.55 25.09
N THR A 36 -10.55 8.39 24.74
CA THR A 36 -11.95 8.25 24.38
C THR A 36 -12.51 7.00 25.07
N PRO A 37 -13.54 7.12 25.94
CA PRO A 37 -14.09 5.96 26.61
C PRO A 37 -14.56 4.88 25.62
N SER A 38 -14.26 3.62 25.94
CA SER A 38 -14.68 2.46 25.14
C SER A 38 -16.14 2.13 25.47
N TYR A 39 -17.03 3.09 25.22
CA TYR A 39 -18.43 3.04 25.63
C TYR A 39 -19.33 3.14 24.39
N VAL A 40 -20.40 2.33 24.40
CA VAL A 40 -21.46 2.39 23.40
C VAL A 40 -22.80 2.40 24.15
N ALA A 41 -23.74 3.21 23.66
CA ALA A 41 -25.06 3.33 24.29
C ALA A 41 -26.08 3.82 23.27
N PHE A 42 -27.36 3.54 23.56
CA PHE A 42 -28.49 4.00 22.77
C PHE A 42 -29.43 4.79 23.66
N THR A 43 -29.95 5.91 23.14
CA THR A 43 -30.84 6.82 23.87
C THR A 43 -32.25 6.24 23.89
N PRO A 44 -33.20 6.83 24.65
CA PRO A 44 -34.63 6.55 24.48
C PRO A 44 -35.10 6.66 23.02
N GLU A 45 -34.49 7.58 22.27
CA GLU A 45 -34.68 7.72 20.81
C GLU A 45 -33.73 6.73 20.10
N GLY A 46 -33.69 6.80 18.77
CA GLY A 46 -32.89 5.86 17.96
C GLY A 46 -31.39 6.10 18.02
N GLU A 47 -30.95 7.23 18.61
CA GLU A 47 -29.57 7.74 18.49
C GLU A 47 -28.56 6.76 19.13
N ARG A 48 -27.51 6.43 18.37
CA ARG A 48 -26.38 5.64 18.86
C ARG A 48 -25.24 6.59 19.25
N LEU A 49 -24.65 6.34 20.43
CA LEU A 49 -23.61 7.18 21.01
C LEU A 49 -22.35 6.34 21.25
N ILE A 50 -21.18 6.89 20.88
CA ILE A 50 -19.89 6.25 21.09
C ILE A 50 -18.95 7.28 21.71
N GLY A 51 -18.24 6.86 22.77
CA GLY A 51 -17.21 7.67 23.41
C GLY A 51 -17.75 8.44 24.62
N ASP A 52 -17.32 9.70 24.74
CA ASP A 52 -17.66 10.57 25.86
C ASP A 52 -19.18 10.64 26.03
N ALA A 53 -19.90 10.86 24.90
CA ALA A 53 -21.36 11.04 24.91
C ALA A 53 -22.06 9.81 25.52
N ALA A 54 -21.51 8.62 25.26
CA ALA A 54 -22.05 7.35 25.76
C ALA A 54 -21.85 7.24 27.28
N LYS A 55 -20.66 7.64 27.76
CA LYS A 55 -20.27 7.48 29.16
C LYS A 55 -20.99 8.50 30.06
N ASN A 56 -21.36 9.66 29.48
CA ASN A 56 -21.97 10.76 30.25
C ASN A 56 -23.43 10.44 30.56
N GLN A 57 -24.08 9.63 29.71
CA GLN A 57 -25.50 9.26 29.91
C GLN A 57 -25.61 7.89 30.60
N LEU A 58 -24.48 7.36 31.09
CA LEU A 58 -24.45 6.07 31.80
C LEU A 58 -25.45 6.08 32.97
N THR A 59 -25.46 7.18 33.73
CA THR A 59 -26.30 7.33 34.93
C THR A 59 -27.77 7.13 34.59
N SER A 60 -28.25 7.78 33.52
CA SER A 60 -29.67 7.83 33.16
C SER A 60 -30.09 6.61 32.31
N ASN A 61 -29.11 5.81 31.88
CA ASN A 61 -29.34 4.60 31.09
C ASN A 61 -28.39 3.51 31.59
N PRO A 62 -28.60 2.99 32.82
CA PRO A 62 -27.61 2.13 33.47
C PRO A 62 -27.54 0.68 32.96
N GLU A 63 -28.59 0.22 32.27
CA GLU A 63 -28.73 -1.18 31.90
C GLU A 63 -28.44 -1.41 30.40
N ASN A 64 -28.36 -0.33 29.61
CA ASN A 64 -28.19 -0.44 28.14
C ASN A 64 -27.03 0.44 27.66
N THR A 65 -26.04 0.63 28.54
CA THR A 65 -24.78 1.29 28.19
C THR A 65 -23.67 0.23 28.24
N VAL A 66 -23.18 -0.16 27.06
CA VAL A 66 -22.19 -1.23 26.92
C VAL A 66 -20.79 -0.65 27.17
N PHE A 67 -19.97 -1.44 27.86
CA PHE A 67 -18.57 -1.15 28.13
C PHE A 67 -17.90 -2.46 28.58
N ASP A 68 -16.57 -2.47 28.63
CA ASP A 68 -15.76 -3.62 29.01
C ASP A 68 -16.04 -4.81 28.08
N ALA A 69 -16.28 -4.52 26.79
CA ALA A 69 -16.51 -5.57 25.78
C ALA A 69 -15.22 -6.38 25.58
N LYS A 70 -14.08 -5.73 25.86
CA LYS A 70 -12.75 -6.33 25.75
C LYS A 70 -12.59 -7.52 26.70
N ARG A 71 -13.34 -7.53 27.81
CA ARG A 71 -13.31 -8.65 28.77
C ARG A 71 -13.91 -9.91 28.14
N LEU A 72 -14.85 -9.74 27.20
CA LEU A 72 -15.57 -10.87 26.59
C LEU A 72 -14.97 -11.25 25.23
N ILE A 73 -14.34 -10.30 24.54
CA ILE A 73 -13.98 -10.45 23.13
C ILE A 73 -13.10 -11.69 22.94
N GLY A 74 -13.53 -12.58 22.04
CA GLY A 74 -12.75 -13.73 21.59
C GLY A 74 -12.81 -14.91 22.56
N ARG A 75 -13.71 -14.87 23.54
CA ARG A 75 -13.86 -15.94 24.52
C ARG A 75 -15.12 -16.76 24.22
N THR A 76 -15.16 -17.98 24.78
CA THR A 76 -16.33 -18.85 24.73
C THR A 76 -17.23 -18.55 25.93
N TRP A 77 -18.45 -19.10 25.91
CA TRP A 77 -19.42 -18.93 26.98
C TRP A 77 -18.95 -19.67 28.25
N ASN A 78 -18.39 -20.87 28.06
CA ASN A 78 -17.98 -21.77 29.16
C ASN A 78 -16.72 -21.25 29.86
N ASP A 79 -15.99 -20.30 29.23
CA ASP A 79 -14.77 -19.71 29.79
C ASP A 79 -15.05 -19.21 31.20
N PRO A 80 -14.29 -19.66 32.23
CA PRO A 80 -14.47 -19.18 33.60
C PRO A 80 -14.40 -17.65 33.76
N SER A 81 -13.57 -17.00 32.95
CA SER A 81 -13.40 -15.55 32.97
C SER A 81 -14.72 -14.83 32.65
N VAL A 82 -15.44 -15.31 31.63
CA VAL A 82 -16.68 -14.69 31.17
C VAL A 82 -17.73 -14.80 32.29
N GLN A 83 -17.84 -15.98 32.90
CA GLN A 83 -18.87 -16.27 33.90
C GLN A 83 -18.65 -15.42 35.17
N GLN A 84 -17.40 -15.06 35.43
CA GLN A 84 -17.03 -14.19 36.56
C GLN A 84 -17.46 -12.74 36.27
N ASP A 85 -17.19 -12.28 35.05
CA ASP A 85 -17.28 -10.86 34.69
C ASP A 85 -18.74 -10.43 34.50
N ILE A 86 -19.62 -11.34 34.07
CA ILE A 86 -21.04 -11.02 33.79
C ILE A 86 -21.77 -10.66 35.09
N LYS A 87 -21.22 -11.05 36.24
CA LYS A 87 -21.79 -10.72 37.55
C LYS A 87 -21.47 -9.27 37.94
N PHE A 88 -20.39 -8.72 37.36
CA PHE A 88 -19.94 -7.34 37.64
C PHE A 88 -20.52 -6.35 36.64
N LEU A 89 -21.15 -6.84 35.56
CA LEU A 89 -21.62 -6.00 34.45
C LEU A 89 -23.12 -5.75 34.57
N PRO A 90 -23.60 -4.49 34.44
CA PRO A 90 -25.02 -4.18 34.60
C PRO A 90 -25.89 -4.63 33.41
N PHE A 91 -25.34 -4.55 32.20
CA PHE A 91 -26.04 -4.95 30.97
C PHE A 91 -26.09 -6.48 30.89
N LYS A 92 -27.05 -7.01 30.12
CA LYS A 92 -27.32 -8.44 30.05
C LYS A 92 -26.43 -9.08 28.99
N VAL A 93 -25.78 -10.19 29.37
CA VAL A 93 -24.97 -11.02 28.49
C VAL A 93 -25.63 -12.40 28.43
N VAL A 94 -25.65 -12.98 27.22
CA VAL A 94 -26.35 -14.24 26.96
C VAL A 94 -25.51 -15.09 25.99
N GLU A 95 -25.74 -16.41 26.02
CA GLU A 95 -25.10 -17.37 25.13
C GLU A 95 -25.77 -17.32 23.76
N LYS A 96 -24.96 -17.39 22.70
CA LYS A 96 -25.43 -17.60 21.33
C LYS A 96 -24.28 -18.25 20.54
N LYS A 97 -24.53 -19.47 20.06
CA LYS A 97 -23.53 -20.29 19.36
C LYS A 97 -22.32 -20.51 20.26
N THR A 98 -22.57 -20.81 21.53
CA THR A 98 -21.56 -21.13 22.56
C THR A 98 -20.56 -19.97 22.72
N LYS A 99 -21.04 -18.72 22.57
CA LYS A 99 -20.22 -17.52 22.68
C LYS A 99 -21.04 -16.42 23.35
N PRO A 100 -20.40 -15.46 24.05
CA PRO A 100 -21.12 -14.39 24.74
C PRO A 100 -21.55 -13.27 23.78
N TYR A 101 -22.81 -12.83 23.92
CA TYR A 101 -23.38 -11.72 23.14
C TYR A 101 -24.01 -10.71 24.09
N ILE A 102 -23.95 -9.42 23.69
CA ILE A 102 -24.43 -8.30 24.49
C ILE A 102 -25.79 -7.85 23.95
N GLN A 103 -26.82 -7.91 24.80
CA GLN A 103 -28.21 -7.56 24.46
C GLN A 103 -28.55 -6.20 25.06
N VAL A 104 -28.99 -5.26 24.20
CA VAL A 104 -29.33 -3.88 24.62
C VAL A 104 -30.59 -3.41 23.87
N ASP A 105 -31.18 -2.32 24.38
CA ASP A 105 -32.34 -1.65 23.79
C ASP A 105 -31.86 -0.53 22.87
N ILE A 106 -32.46 -0.41 21.68
CA ILE A 106 -32.16 0.66 20.72
C ILE A 106 -32.99 1.90 21.10
N GLY A 107 -34.31 1.71 21.23
CA GLY A 107 -35.24 2.80 21.53
C GLY A 107 -36.65 2.40 21.14
N GLY A 108 -37.62 2.81 21.97
CA GLY A 108 -39.02 2.43 21.81
C GLY A 108 -39.23 0.95 22.10
N GLY A 109 -38.55 0.45 23.14
CA GLY A 109 -38.70 -0.91 23.64
C GLY A 109 -38.27 -1.98 22.64
N GLN A 110 -37.31 -1.63 21.77
CA GLN A 110 -36.77 -2.57 20.77
C GLN A 110 -35.37 -3.02 21.22
N THR A 111 -35.15 -4.34 21.25
CA THR A 111 -33.89 -4.94 21.71
C THR A 111 -33.04 -5.36 20.50
N LYS A 112 -31.75 -5.57 20.75
CA LYS A 112 -30.77 -5.98 19.73
C LYS A 112 -29.57 -6.63 20.44
N THR A 113 -28.98 -7.65 19.79
CA THR A 113 -27.89 -8.44 20.36
C THR A 113 -26.64 -8.31 19.50
N PHE A 114 -25.58 -7.75 20.08
CA PHE A 114 -24.30 -7.51 19.40
C PHE A 114 -23.24 -8.48 19.92
N ALA A 115 -22.32 -8.88 19.02
CA ALA A 115 -21.11 -9.59 19.40
C ALA A 115 -20.12 -8.59 20.00
N PRO A 116 -19.28 -9.00 20.97
CA PRO A 116 -18.20 -8.14 21.48
C PRO A 116 -17.42 -7.43 20.37
N GLU A 117 -17.15 -8.14 19.27
CA GLU A 117 -16.41 -7.62 18.12
C GLU A 117 -17.11 -6.36 17.57
N GLU A 118 -18.44 -6.40 17.47
CA GLU A 118 -19.24 -5.32 16.88
C GLU A 118 -19.16 -4.08 17.76
N ILE A 119 -19.18 -4.28 19.09
CA ILE A 119 -19.05 -3.19 20.06
C ILE A 119 -17.66 -2.54 19.90
N SER A 120 -16.62 -3.39 19.88
CA SER A 120 -15.24 -2.93 19.73
C SER A 120 -15.05 -2.26 18.36
N ALA A 121 -15.75 -2.78 17.34
CA ALA A 121 -15.72 -2.23 15.98
C ALA A 121 -16.26 -0.79 15.98
N MET A 122 -17.35 -0.57 16.74
CA MET A 122 -17.96 0.76 16.85
C MET A 122 -16.96 1.74 17.48
N VAL A 123 -16.26 1.28 18.53
CA VAL A 123 -15.26 2.10 19.24
C VAL A 123 -14.11 2.39 18.27
N LEU A 124 -13.70 1.37 17.50
CA LEU A 124 -12.60 1.50 16.53
C LEU A 124 -12.98 2.50 15.45
N THR A 125 -14.23 2.45 14.99
CA THR A 125 -14.74 3.37 13.97
C THR A 125 -14.60 4.82 14.47
N LYS A 126 -14.86 5.03 15.77
CA LYS A 126 -14.79 6.36 16.38
C LYS A 126 -13.33 6.85 16.42
N MET A 127 -12.40 5.94 16.74
CA MET A 127 -10.96 6.26 16.74
C MET A 127 -10.51 6.55 15.30
N LYS A 128 -11.02 5.75 14.36
CA LYS A 128 -10.74 5.88 12.93
C LYS A 128 -11.19 7.28 12.45
N GLU A 129 -12.43 7.65 12.81
CA GLU A 129 -13.03 8.93 12.39
C GLU A 129 -12.29 10.10 13.05
N THR A 130 -11.89 9.92 14.31
CA THR A 130 -11.06 10.87 15.05
C THR A 130 -9.77 11.16 14.26
N ALA A 131 -9.09 10.09 13.83
CA ALA A 131 -7.82 10.18 13.10
C ALA A 131 -8.04 10.83 11.73
N GLU A 132 -9.12 10.44 11.04
CA GLU A 132 -9.46 10.95 9.72
C GLU A 132 -9.64 12.48 9.76
N ALA A 133 -10.27 12.97 10.83
CA ALA A 133 -10.56 14.39 11.01
C ALA A 133 -9.25 15.19 11.14
N TYR A 134 -8.26 14.62 11.84
CA TYR A 134 -6.97 15.27 12.10
C TYR A 134 -6.11 15.26 10.83
N LEU A 135 -6.12 14.13 10.10
CA LEU A 135 -5.25 13.91 8.94
C LEU A 135 -5.85 14.54 7.68
N GLY A 136 -7.18 14.56 7.59
CA GLY A 136 -7.91 15.12 6.46
C GLY A 136 -7.93 14.17 5.27
N LYS A 137 -7.99 12.87 5.56
CA LYS A 137 -8.05 11.82 4.54
C LYS A 137 -8.45 10.50 5.20
N LYS A 138 -8.91 9.55 4.38
CA LYS A 138 -9.38 8.24 4.85
C LYS A 138 -8.19 7.44 5.39
N VAL A 139 -8.45 6.63 6.43
CA VAL A 139 -7.48 5.74 7.06
C VAL A 139 -7.96 4.30 6.87
N THR A 140 -7.09 3.44 6.33
CA THR A 140 -7.46 2.07 5.96
C THR A 140 -6.73 1.04 6.83
N HIS A 141 -5.57 1.40 7.38
CA HIS A 141 -4.69 0.47 8.10
C HIS A 141 -4.42 0.98 9.51
N ALA A 142 -4.09 0.06 10.43
CA ALA A 142 -3.82 0.40 11.83
C ALA A 142 -2.94 -0.67 12.49
N VAL A 143 -2.24 -0.24 13.56
CA VAL A 143 -1.58 -1.12 14.53
C VAL A 143 -2.41 -1.07 15.81
N VAL A 144 -2.95 -2.23 16.23
CA VAL A 144 -3.81 -2.33 17.39
C VAL A 144 -3.06 -3.11 18.48
N THR A 145 -3.19 -2.65 19.73
CA THR A 145 -2.55 -3.30 20.87
C THR A 145 -3.57 -4.18 21.59
N VAL A 146 -3.06 -5.27 22.19
CA VAL A 146 -3.83 -6.22 23.00
C VAL A 146 -3.00 -6.59 24.22
N PRO A 147 -3.62 -7.10 25.31
CA PRO A 147 -2.86 -7.60 26.45
C PRO A 147 -1.97 -8.79 26.06
N ALA A 148 -0.85 -8.96 26.76
CA ALA A 148 0.13 -10.00 26.45
C ALA A 148 -0.48 -11.39 26.57
N TYR A 149 -1.42 -11.55 27.50
CA TYR A 149 -2.02 -12.85 27.84
C TYR A 149 -3.09 -13.27 26.82
N PHE A 150 -3.51 -12.36 25.94
CA PHE A 150 -4.49 -12.70 24.88
C PHE A 150 -4.02 -13.89 24.06
N ASN A 151 -4.95 -14.81 23.75
CA ASN A 151 -4.68 -16.00 22.94
C ASN A 151 -4.98 -15.67 21.47
N ASP A 152 -4.89 -16.69 20.60
CA ASP A 152 -5.10 -16.54 19.15
C ASP A 152 -6.52 -16.06 18.84
N ALA A 153 -7.51 -16.65 19.52
CA ALA A 153 -8.93 -16.33 19.31
C ALA A 153 -9.18 -14.85 19.62
N GLN A 154 -8.63 -14.39 20.76
CA GLN A 154 -8.80 -13.01 21.23
C GLN A 154 -8.08 -12.04 20.29
N ARG A 155 -6.90 -12.44 19.81
CA ARG A 155 -6.13 -11.63 18.87
C ARG A 155 -6.89 -11.49 17.56
N GLN A 156 -7.45 -12.61 17.07
CA GLN A 156 -8.19 -12.65 15.79
C GLN A 156 -9.49 -11.85 15.89
N ALA A 157 -10.17 -11.96 17.05
CA ALA A 157 -11.42 -11.23 17.30
C ALA A 157 -11.17 -9.72 17.23
N THR A 158 -10.01 -9.27 17.75
CA THR A 158 -9.61 -7.87 17.72
C THR A 158 -9.39 -7.42 16.27
N LYS A 159 -8.80 -8.30 15.45
CA LYS A 159 -8.63 -8.07 14.01
C LYS A 159 -10.01 -7.95 13.34
N ASP A 160 -10.92 -8.86 13.67
CA ASP A 160 -12.28 -8.90 13.11
C ASP A 160 -12.99 -7.57 13.40
N ALA A 161 -12.87 -7.07 14.64
CA ALA A 161 -13.45 -5.80 15.05
C ALA A 161 -12.94 -4.68 14.13
N GLY A 162 -11.64 -4.69 13.86
CA GLY A 162 -11.00 -3.78 12.91
C GLY A 162 -11.62 -3.87 11.53
N THR A 163 -11.75 -5.09 11.01
CA THR A 163 -12.30 -5.35 9.67
C THR A 163 -13.68 -4.69 9.54
N ILE A 164 -14.55 -4.90 10.53
CA ILE A 164 -15.93 -4.39 10.52
C ILE A 164 -15.91 -2.85 10.48
N ALA A 165 -14.91 -2.25 11.14
CA ALA A 165 -14.74 -0.79 11.18
C ALA A 165 -14.05 -0.26 9.91
N GLY A 166 -13.62 -1.18 9.03
CA GLY A 166 -12.95 -0.84 7.77
C GLY A 166 -11.47 -0.58 7.97
N LEU A 167 -10.87 -1.27 8.93
CA LEU A 167 -9.45 -1.15 9.25
C LEU A 167 -8.77 -2.50 8.97
N ASN A 168 -7.69 -2.45 8.19
CA ASN A 168 -6.80 -3.59 8.01
C ASN A 168 -5.76 -3.54 9.14
N VAL A 169 -6.00 -4.34 10.19
CA VAL A 169 -5.11 -4.42 11.35
C VAL A 169 -3.83 -5.17 10.93
N MET A 170 -2.81 -4.41 10.54
CA MET A 170 -1.55 -4.92 9.98
C MET A 170 -0.84 -5.81 11.00
N ARG A 171 -0.67 -5.28 12.22
CA ARG A 171 0.02 -5.95 13.31
C ARG A 171 -0.84 -5.90 14.57
N ILE A 172 -0.84 -7.02 15.31
CA ILE A 172 -1.25 -7.05 16.70
C ILE A 172 0.03 -7.02 17.54
N ILE A 173 0.06 -6.12 18.52
CA ILE A 173 1.24 -5.89 19.34
C ILE A 173 0.82 -5.83 20.81
N ASN A 174 1.64 -6.44 21.67
CA ASN A 174 1.34 -6.58 23.09
C ASN A 174 1.51 -5.21 23.77
N GLU A 175 0.57 -4.89 24.66
CA GLU A 175 0.49 -3.59 25.34
C GLU A 175 1.81 -3.25 26.03
N PRO A 176 2.40 -4.14 26.85
CA PRO A 176 3.67 -3.85 27.52
C PRO A 176 4.82 -3.59 26.55
N THR A 177 4.84 -4.31 25.42
CA THR A 177 5.85 -4.13 24.40
C THR A 177 5.72 -2.73 23.78
N ALA A 178 4.48 -2.32 23.51
CA ALA A 178 4.19 -1.00 22.96
C ALA A 178 4.72 0.09 23.90
N ALA A 179 4.44 -0.08 25.21
CA ALA A 179 4.89 0.85 26.24
C ALA A 179 6.43 0.93 26.27
N ALA A 180 7.07 -0.23 26.11
CA ALA A 180 8.54 -0.32 26.06
C ALA A 180 9.06 0.46 24.85
N ILE A 181 8.37 0.32 23.71
CA ILE A 181 8.77 0.98 22.47
C ILE A 181 8.63 2.50 22.63
N ALA A 182 7.58 2.93 23.34
CA ALA A 182 7.32 4.36 23.59
C ALA A 182 8.53 5.01 24.29
N TYR A 183 9.16 4.28 25.21
CA TYR A 183 10.28 4.78 26.01
C TYR A 183 11.62 4.52 25.31
N GLY A 184 11.58 4.06 24.06
CA GLY A 184 12.77 3.88 23.23
C GLY A 184 13.71 2.80 23.76
N LEU A 185 13.14 1.84 24.52
CA LEU A 185 13.92 0.77 25.16
C LEU A 185 14.43 -0.22 24.10
N ASP A 186 13.88 -0.16 22.89
CA ASP A 186 14.32 -0.98 21.76
C ASP A 186 15.65 -0.48 21.19
N LYS A 187 16.07 0.72 21.59
CA LYS A 187 17.35 1.32 21.18
C LYS A 187 18.48 0.92 22.14
N ARG A 188 18.13 0.34 23.29
CA ARG A 188 19.10 -0.18 24.27
C ARG A 188 19.94 -1.29 23.65
N GLU A 189 21.19 -1.40 24.12
CA GLU A 189 22.17 -2.39 23.64
C GLU A 189 22.06 -3.67 24.47
N GLY A 190 22.36 -4.81 23.84
CA GLY A 190 22.56 -6.09 24.52
C GLY A 190 21.27 -6.65 25.11
N GLU A 191 21.43 -7.40 26.21
CA GLU A 191 20.35 -8.15 26.85
C GLU A 191 19.99 -7.48 28.18
N LYS A 192 18.72 -7.09 28.33
CA LYS A 192 18.21 -6.40 29.50
C LYS A 192 16.85 -7.00 29.88
N ASN A 193 16.49 -6.87 31.17
CA ASN A 193 15.19 -7.31 31.68
C ASN A 193 14.36 -6.06 32.01
N ILE A 194 13.07 -6.09 31.64
CA ILE A 194 12.18 -4.93 31.73
C ILE A 194 10.90 -5.36 32.48
N LEU A 195 10.56 -4.59 33.51
CA LEU A 195 9.32 -4.79 34.27
C LEU A 195 8.32 -3.70 33.88
N VAL A 196 7.19 -4.12 33.30
CA VAL A 196 6.10 -3.21 32.94
C VAL A 196 4.98 -3.36 33.98
N PHE A 197 4.57 -2.22 34.55
CA PHE A 197 3.61 -2.13 35.64
C PHE A 197 2.44 -1.26 35.18
N ASP A 198 1.34 -1.92 34.77
CA ASP A 198 0.23 -1.27 34.06
C ASP A 198 -1.01 -1.27 34.97
N LEU A 199 -1.31 -0.11 35.57
CA LEU A 199 -2.44 0.06 36.48
C LEU A 199 -3.46 1.02 35.86
N GLY A 200 -4.47 0.45 35.20
CA GLY A 200 -5.53 1.21 34.55
C GLY A 200 -6.67 1.55 35.50
N GLY A 201 -7.82 1.88 34.91
CA GLY A 201 -9.03 2.25 35.62
C GLY A 201 -9.69 1.05 36.31
N GLY A 202 -9.64 -0.12 35.66
CA GLY A 202 -10.28 -1.33 36.19
C GLY A 202 -9.44 -2.59 36.05
N THR A 203 -8.19 -2.48 35.61
CA THR A 203 -7.31 -3.63 35.39
C THR A 203 -5.88 -3.30 35.82
N PHE A 204 -5.16 -4.33 36.29
CA PHE A 204 -3.77 -4.27 36.68
C PHE A 204 -3.01 -5.40 35.99
N ASP A 205 -1.95 -5.05 35.24
CA ASP A 205 -1.13 -6.03 34.51
C ASP A 205 0.34 -5.76 34.79
N VAL A 206 1.05 -6.82 35.21
CA VAL A 206 2.49 -6.83 35.34
C VAL A 206 3.04 -7.78 34.27
N SER A 207 4.09 -7.34 33.58
CA SER A 207 4.77 -8.14 32.55
C SER A 207 6.29 -8.03 32.73
N LEU A 208 6.97 -9.19 32.67
CA LEU A 208 8.42 -9.25 32.58
C LEU A 208 8.79 -9.48 31.11
N LEU A 209 9.44 -8.48 30.49
CA LEU A 209 9.95 -8.59 29.13
C LEU A 209 11.47 -8.71 29.20
N THR A 210 12.04 -9.48 28.26
CA THR A 210 13.42 -9.35 27.88
C THR A 210 13.51 -8.46 26.64
N ILE A 211 14.70 -7.92 26.41
CA ILE A 211 15.08 -7.33 25.14
C ILE A 211 16.43 -7.96 24.75
N ASP A 212 16.56 -8.31 23.46
CA ASP A 212 17.75 -8.93 22.91
C ASP A 212 17.93 -8.40 21.47
N ASN A 213 18.99 -7.61 21.27
CA ASN A 213 19.35 -7.07 19.96
C ASN A 213 18.18 -6.25 19.40
N GLY A 214 17.53 -5.47 20.28
CA GLY A 214 16.44 -4.55 19.93
C GLY A 214 15.13 -5.25 19.65
N VAL A 215 14.95 -6.47 20.17
CA VAL A 215 13.75 -7.29 19.97
C VAL A 215 13.30 -7.85 21.32
N PHE A 216 11.99 -7.74 21.60
CA PHE A 216 11.41 -8.05 22.90
C PHE A 216 10.88 -9.49 22.92
N GLU A 217 10.59 -9.97 24.14
CA GLU A 217 9.88 -11.21 24.37
C GLU A 217 9.22 -11.14 25.75
N VAL A 218 7.92 -11.50 25.81
CA VAL A 218 7.16 -11.56 27.04
C VAL A 218 7.46 -12.90 27.71
N VAL A 219 8.11 -12.86 28.88
CA VAL A 219 8.58 -14.05 29.57
C VAL A 219 7.46 -14.57 30.49
N ALA A 220 6.86 -13.67 31.28
CA ALA A 220 5.79 -14.03 32.20
C ALA A 220 4.89 -12.81 32.45
N THR A 221 3.64 -13.09 32.84
CA THR A 221 2.62 -12.07 33.08
C THR A 221 1.85 -12.43 34.36
N ASN A 222 1.29 -11.40 35.00
CA ASN A 222 0.47 -11.54 36.19
C ASN A 222 -0.28 -10.22 36.41
N GLY A 223 -0.99 -10.12 37.54
CA GLY A 223 -1.69 -8.92 37.95
C GLY A 223 -3.04 -9.25 38.55
N ASP A 224 -3.98 -8.30 38.42
CA ASP A 224 -5.34 -8.46 38.91
C ASP A 224 -6.28 -7.80 37.88
N THR A 225 -7.27 -8.56 37.42
CA THR A 225 -8.13 -8.18 36.32
C THR A 225 -9.26 -7.25 36.80
N HIS A 226 -9.47 -7.16 38.12
CA HIS A 226 -10.53 -6.32 38.70
C HIS A 226 -9.96 -5.35 39.74
N LEU A 227 -8.72 -4.89 39.54
CA LEU A 227 -8.09 -3.88 40.39
C LEU A 227 -7.64 -2.70 39.51
N GLY A 228 -8.12 -1.50 39.85
CA GLY A 228 -7.76 -0.30 39.13
C GLY A 228 -8.17 0.97 39.87
N GLY A 229 -8.02 2.10 39.16
CA GLY A 229 -8.29 3.44 39.68
C GLY A 229 -9.68 3.61 40.26
N GLU A 230 -10.66 2.88 39.71
CA GLU A 230 -12.06 2.99 40.11
C GLU A 230 -12.25 2.43 41.53
N ASP A 231 -11.47 1.41 41.89
CA ASP A 231 -11.51 0.80 43.22
C ASP A 231 -11.02 1.81 44.27
N PHE A 232 -10.07 2.66 43.87
CA PHE A 232 -9.54 3.70 44.77
C PHE A 232 -10.60 4.79 44.98
N ASP A 233 -11.36 5.09 43.92
CA ASP A 233 -12.47 6.05 44.00
C ASP A 233 -13.54 5.54 44.96
N GLN A 234 -13.82 4.23 44.88
CA GLN A 234 -14.93 3.59 45.63
C GLN A 234 -14.67 3.67 47.14
N ARG A 235 -13.40 3.54 47.54
CA ARG A 235 -13.01 3.62 48.94
C ARG A 235 -13.20 5.05 49.45
N VAL A 236 -12.94 6.04 48.59
CA VAL A 236 -13.12 7.45 48.89
C VAL A 236 -14.63 7.75 49.00
N MET A 237 -15.41 7.20 48.07
CA MET A 237 -16.87 7.34 48.05
C MET A 237 -17.46 6.81 49.37
N GLU A 238 -17.06 5.57 49.73
CA GLU A 238 -17.54 4.91 50.93
C GLU A 238 -17.24 5.75 52.18
N HIS A 239 -16.05 6.36 52.20
CA HIS A 239 -15.60 7.18 53.32
C HIS A 239 -16.51 8.40 53.49
N PHE A 240 -16.74 9.14 52.41
CA PHE A 240 -17.41 10.45 52.47
C PHE A 240 -18.93 10.28 52.63
N ILE A 241 -19.50 9.19 52.10
CA ILE A 241 -20.92 8.86 52.29
C ILE A 241 -21.18 8.58 53.78
N LYS A 242 -20.29 7.79 54.39
CA LYS A 242 -20.37 7.46 55.82
C LYS A 242 -20.24 8.74 56.67
N LEU A 243 -19.35 9.64 56.25
CA LEU A 243 -19.09 10.89 56.95
C LEU A 243 -20.32 11.81 56.89
N TYR A 244 -21.02 11.79 55.75
CA TYR A 244 -22.19 12.65 55.54
C TYR A 244 -23.34 12.20 56.45
N LYS A 245 -23.56 10.89 56.55
CA LYS A 245 -24.62 10.32 57.40
C LYS A 245 -24.30 10.61 58.88
N LYS A 246 -23.01 10.58 59.24
CA LYS A 246 -22.57 10.74 60.62
C LYS A 246 -22.78 12.19 61.09
N LYS A 247 -22.71 13.16 60.16
CA LYS A 247 -22.76 14.59 60.48
C LYS A 247 -24.19 15.13 60.36
N THR A 248 -24.86 14.84 59.24
CA THR A 248 -26.21 15.34 58.97
C THR A 248 -27.26 14.39 59.55
N GLY A 249 -27.06 13.08 59.33
CA GLY A 249 -28.02 12.04 59.68
C GLY A 249 -28.75 11.51 58.45
N LYS A 250 -28.26 11.86 57.26
CA LYS A 250 -28.90 11.57 55.98
C LYS A 250 -28.13 10.45 55.26
N ASP A 251 -28.87 9.42 54.80
CA ASP A 251 -28.34 8.36 53.96
C ASP A 251 -28.56 8.75 52.50
N VAL A 252 -27.46 8.86 51.74
CA VAL A 252 -27.45 9.42 50.39
C VAL A 252 -27.47 8.29 49.36
N ARG A 253 -27.32 7.03 49.81
CA ARG A 253 -27.05 5.88 48.95
C ARG A 253 -28.13 5.72 47.86
N LYS A 254 -29.40 5.92 48.23
CA LYS A 254 -30.53 5.61 47.36
C LYS A 254 -30.86 6.78 46.41
N ASP A 255 -30.08 7.87 46.49
CA ASP A 255 -30.18 9.01 45.56
C ASP A 255 -29.05 8.90 44.54
N ASN A 256 -29.37 8.32 43.37
CA ASN A 256 -28.41 8.02 42.32
C ASN A 256 -27.76 9.30 41.77
N ARG A 257 -28.56 10.38 41.68
CA ARG A 257 -28.12 11.65 41.11
C ARG A 257 -26.99 12.25 41.95
N ALA A 258 -27.24 12.36 43.27
CA ALA A 258 -26.31 12.98 44.22
C ALA A 258 -24.99 12.19 44.29
N VAL A 259 -25.08 10.86 44.20
CA VAL A 259 -23.92 9.97 44.29
C VAL A 259 -22.99 10.20 43.09
N GLN A 260 -23.57 10.49 41.92
CA GLN A 260 -22.79 10.74 40.69
C GLN A 260 -22.06 12.09 40.82
N LYS A 261 -22.72 13.08 41.43
CA LYS A 261 -22.15 14.41 41.66
C LYS A 261 -20.90 14.30 42.54
N LEU A 262 -20.91 13.36 43.48
CA LEU A 262 -19.79 13.13 44.40
C LEU A 262 -18.65 12.41 43.66
N ARG A 263 -18.98 11.39 42.87
CA ARG A 263 -17.98 10.59 42.12
C ARG A 263 -17.19 11.48 41.16
N ARG A 264 -17.86 12.51 40.61
CA ARG A 264 -17.22 13.46 39.69
C ARG A 264 -16.13 14.25 40.41
N GLU A 265 -16.43 14.73 41.62
CA GLU A 265 -15.51 15.55 42.41
C GLU A 265 -14.40 14.68 43.03
N VAL A 266 -14.74 13.43 43.38
CA VAL A 266 -13.78 12.48 43.95
C VAL A 266 -12.72 12.15 42.89
N GLU A 267 -13.15 11.96 41.64
CA GLU A 267 -12.26 11.66 40.52
C GLU A 267 -11.31 12.84 40.27
N LYS A 268 -11.85 14.07 40.36
CA LYS A 268 -11.08 15.30 40.15
C LYS A 268 -10.05 15.47 41.27
N ALA A 269 -10.48 15.21 42.50
CA ALA A 269 -9.65 15.36 43.70
C ALA A 269 -8.52 14.32 43.71
N LYS A 270 -8.83 13.09 43.28
CA LYS A 270 -7.84 12.02 43.19
C LYS A 270 -6.69 12.44 42.27
N ARG A 271 -7.04 13.02 41.11
CA ARG A 271 -6.06 13.47 40.11
C ARG A 271 -5.23 14.62 40.69
N ALA A 272 -5.90 15.54 41.39
CA ALA A 272 -5.25 16.70 42.02
C ALA A 272 -4.22 16.26 43.07
N LEU A 273 -4.52 15.16 43.77
CA LEU A 273 -3.69 14.67 44.88
C LEU A 273 -2.41 13.99 44.38
N SER A 274 -2.31 13.79 43.07
CA SER A 274 -1.08 13.28 42.43
C SER A 274 0.02 14.37 42.42
N SER A 275 -0.38 15.64 42.55
CA SER A 275 0.56 16.77 42.52
C SER A 275 0.39 17.71 43.73
N GLN A 276 -0.73 17.62 44.46
CA GLN A 276 -0.99 18.42 45.67
C GLN A 276 -1.18 17.48 46.87
N HIS A 277 -1.27 18.07 48.07
CA HIS A 277 -1.37 17.32 49.34
C HIS A 277 -2.78 17.38 49.94
N GLN A 278 -3.65 18.23 49.39
CA GLN A 278 -5.05 18.31 49.81
C GLN A 278 -5.90 18.87 48.66
N ALA A 279 -7.20 18.55 48.69
CA ALA A 279 -8.16 18.95 47.68
C ALA A 279 -9.54 19.12 48.33
N ARG A 280 -10.08 20.35 48.25
CA ARG A 280 -11.44 20.64 48.70
C ARG A 280 -12.44 20.01 47.73
N ILE A 281 -13.51 19.42 48.27
CA ILE A 281 -14.62 18.90 47.48
C ILE A 281 -15.89 19.60 47.94
N GLU A 282 -16.35 20.57 47.13
CA GLU A 282 -17.53 21.38 47.43
C GLU A 282 -18.61 21.10 46.37
N ILE A 283 -19.81 20.75 46.84
CA ILE A 283 -20.99 20.52 46.00
C ILE A 283 -22.18 21.26 46.62
N GLU A 284 -22.61 22.35 45.97
CA GLU A 284 -23.79 23.10 46.39
C GLU A 284 -25.05 22.35 45.92
N SER A 285 -26.10 22.40 46.74
CA SER A 285 -27.37 21.65 46.53
C SER A 285 -27.07 20.18 46.21
N PHE A 286 -26.42 19.51 47.16
CA PHE A 286 -25.90 18.15 46.99
C PHE A 286 -27.03 17.13 47.19
N PHE A 287 -27.81 17.31 48.26
CA PHE A 287 -28.87 16.36 48.62
C PHE A 287 -29.90 17.06 49.53
N GLU A 288 -31.14 17.13 49.05
CA GLU A 288 -32.26 17.81 49.72
C GLU A 288 -31.91 19.28 49.95
N GLY A 289 -31.32 19.92 48.93
CA GLY A 289 -30.91 21.32 48.97
C GLY A 289 -30.01 21.63 50.15
N GLU A 290 -29.07 20.71 50.44
CA GLU A 290 -28.08 20.85 51.50
C GLU A 290 -26.69 20.63 50.89
N ASP A 291 -25.71 21.46 51.29
CA ASP A 291 -24.41 21.52 50.65
C ASP A 291 -23.47 20.46 51.26
N PHE A 292 -22.45 20.10 50.47
CA PHE A 292 -21.37 19.19 50.86
C PHE A 292 -20.05 19.97 50.83
N SER A 293 -19.33 19.96 51.95
CA SER A 293 -18.03 20.63 52.07
C SER A 293 -17.09 19.82 52.96
N GLU A 294 -16.21 19.03 52.32
CA GLU A 294 -15.17 18.25 52.99
C GLU A 294 -13.85 18.42 52.23
N THR A 295 -12.76 17.94 52.84
CA THR A 295 -11.43 17.94 52.23
C THR A 295 -10.90 16.50 52.19
N LEU A 296 -10.21 16.15 51.10
CA LEU A 296 -9.50 14.89 50.97
C LEU A 296 -7.99 15.19 50.92
N THR A 297 -7.26 14.70 51.93
CA THR A 297 -5.80 14.80 51.97
C THR A 297 -5.19 13.61 51.25
N ARG A 298 -3.96 13.78 50.76
CA ARG A 298 -3.19 12.71 50.16
C ARG A 298 -3.00 11.59 51.19
N ALA A 299 -2.74 11.98 52.44
CA ALA A 299 -2.50 11.03 53.54
C ALA A 299 -3.74 10.15 53.76
N LYS A 300 -4.93 10.78 53.76
CA LYS A 300 -6.19 10.08 53.96
C LYS A 300 -6.46 9.16 52.77
N PHE A 301 -6.33 9.71 51.55
CA PHE A 301 -6.52 8.95 50.32
C PHE A 301 -5.65 7.69 50.35
N GLU A 302 -4.39 7.85 50.77
CA GLU A 302 -3.43 6.75 50.90
C GLU A 302 -3.92 5.75 51.95
N GLU A 303 -4.34 6.28 53.10
CA GLU A 303 -4.80 5.47 54.25
C GLU A 303 -5.97 4.57 53.83
N LEU A 304 -6.90 5.14 53.05
CA LEU A 304 -8.13 4.44 52.66
C LEU A 304 -7.84 3.32 51.65
N ASN A 305 -6.69 3.40 50.97
CA ASN A 305 -6.37 2.51 49.84
C ASN A 305 -5.06 1.75 50.06
N MET A 306 -4.51 1.78 51.28
CA MET A 306 -3.14 1.30 51.53
C MET A 306 -3.05 -0.20 51.22
N ASP A 307 -4.05 -0.97 51.64
CA ASP A 307 -4.08 -2.42 51.44
C ASP A 307 -4.10 -2.75 49.94
N LEU A 308 -4.88 -1.99 49.17
CA LEU A 308 -5.01 -2.19 47.73
C LEU A 308 -3.68 -1.86 47.06
N PHE A 309 -3.04 -0.76 47.48
CA PHE A 309 -1.76 -0.31 46.93
C PHE A 309 -0.68 -1.38 47.14
N ARG A 310 -0.61 -1.95 48.34
CA ARG A 310 0.42 -2.94 48.70
C ARG A 310 0.19 -4.27 47.95
N SER A 311 -1.07 -4.57 47.63
CA SER A 311 -1.44 -5.82 46.95
C SER A 311 -0.88 -5.87 45.52
N THR A 312 -0.48 -4.72 44.97
CA THR A 312 0.08 -4.65 43.60
C THR A 312 1.49 -5.27 43.56
N MET A 313 2.15 -5.38 44.71
CA MET A 313 3.54 -5.85 44.80
C MET A 313 3.60 -7.38 44.68
N LYS A 314 2.56 -8.09 45.13
CA LYS A 314 2.54 -9.56 45.11
C LYS A 314 2.66 -10.08 43.68
N PRO A 315 1.84 -9.60 42.71
CA PRO A 315 2.05 -9.94 41.29
C PRO A 315 3.45 -9.65 40.74
N VAL A 316 4.07 -8.54 41.18
CA VAL A 316 5.41 -8.14 40.74
C VAL A 316 6.42 -9.20 41.21
N GLN A 317 6.24 -9.70 42.43
CA GLN A 317 7.11 -10.70 43.03
C GLN A 317 6.90 -12.05 42.35
N LYS A 318 5.66 -12.33 41.93
CA LYS A 318 5.26 -13.60 41.33
C LYS A 318 5.86 -13.73 39.92
N VAL A 319 5.81 -12.65 39.13
CA VAL A 319 6.33 -12.66 37.76
C VAL A 319 7.86 -12.84 37.78
N LEU A 320 8.52 -12.27 38.79
CA LEU A 320 9.98 -12.43 38.98
C LEU A 320 10.31 -13.90 39.27
N GLU A 321 9.46 -14.56 40.05
CA GLU A 321 9.62 -15.98 40.41
C GLU A 321 9.45 -16.86 39.16
N ASP A 322 8.41 -16.57 38.36
CA ASP A 322 8.09 -17.35 37.17
C ASP A 322 9.13 -17.10 36.06
N SER A 323 9.79 -15.93 36.11
CA SER A 323 10.87 -15.57 35.19
C SER A 323 12.22 -16.09 35.69
N ASP A 324 12.25 -16.54 36.96
CA ASP A 324 13.46 -17.05 37.62
C ASP A 324 14.50 -15.91 37.71
N LEU A 325 14.04 -14.74 38.17
CA LEU A 325 14.86 -13.54 38.30
C LEU A 325 14.78 -12.99 39.73
N LYS A 326 15.81 -12.24 40.12
CA LYS A 326 15.85 -11.50 41.37
C LYS A 326 15.53 -10.03 41.09
N LYS A 327 15.27 -9.26 42.15
CA LYS A 327 14.94 -7.84 42.08
C LYS A 327 16.05 -7.08 41.33
N SER A 328 17.30 -7.46 41.59
CA SER A 328 18.50 -6.74 41.12
C SER A 328 18.77 -7.01 39.64
N ASP A 329 18.06 -7.98 39.04
CA ASP A 329 18.24 -8.37 37.64
C ASP A 329 17.41 -7.47 36.71
N ILE A 330 16.58 -6.59 37.28
CA ILE A 330 15.71 -5.69 36.49
C ILE A 330 16.48 -4.42 36.14
N ASP A 331 16.56 -4.13 34.84
CA ASP A 331 17.36 -3.03 34.29
C ASP A 331 16.48 -1.80 33.99
N GLU A 332 15.20 -2.03 33.64
CA GLU A 332 14.27 -0.96 33.31
C GLU A 332 12.90 -1.23 33.96
N ILE A 333 12.27 -0.16 34.44
CA ILE A 333 10.93 -0.19 35.02
C ILE A 333 10.07 0.84 34.30
N VAL A 334 8.93 0.39 33.75
CA VAL A 334 8.03 1.23 32.97
C VAL A 334 6.66 1.24 33.65
N LEU A 335 6.19 2.44 34.00
CA LEU A 335 4.89 2.65 34.64
C LEU A 335 3.90 3.16 33.58
N VAL A 336 2.77 2.45 33.45
CA VAL A 336 1.73 2.74 32.46
C VAL A 336 0.38 2.78 33.18
N GLY A 337 -0.54 3.61 32.66
CA GLY A 337 -1.86 3.80 33.25
C GLY A 337 -1.89 5.00 34.20
N GLY A 338 -3.03 5.70 34.24
CA GLY A 338 -3.22 6.94 34.99
C GLY A 338 -2.98 6.78 36.49
N SER A 339 -3.25 5.59 37.02
CA SER A 339 -3.14 5.31 38.47
C SER A 339 -1.67 5.30 38.92
N THR A 340 -0.72 5.15 37.98
CA THR A 340 0.71 5.14 38.30
C THR A 340 1.22 6.56 38.58
N ARG A 341 0.38 7.58 38.37
CA ARG A 341 0.69 8.97 38.73
C ARG A 341 0.66 9.13 40.26
N ILE A 342 -0.07 8.25 40.94
CA ILE A 342 -0.22 8.29 42.40
C ILE A 342 1.16 8.14 43.03
N PRO A 343 1.64 9.16 43.79
CA PRO A 343 2.95 9.07 44.46
C PRO A 343 3.22 7.80 45.26
N LYS A 344 2.21 7.31 45.99
CA LYS A 344 2.39 6.15 46.87
C LYS A 344 2.67 4.88 46.05
N ILE A 345 2.04 4.76 44.87
CA ILE A 345 2.27 3.64 43.97
C ILE A 345 3.74 3.66 43.50
N GLN A 346 4.23 4.84 43.12
CA GLN A 346 5.60 5.01 42.61
C GLN A 346 6.62 4.64 43.69
N GLN A 347 6.39 5.13 44.91
CA GLN A 347 7.26 4.89 46.07
C GLN A 347 7.36 3.38 46.36
N LEU A 348 6.22 2.69 46.32
CA LEU A 348 6.14 1.25 46.63
C LEU A 348 6.93 0.44 45.60
N VAL A 349 6.82 0.83 44.32
CA VAL A 349 7.58 0.20 43.24
C VAL A 349 9.07 0.50 43.45
N LYS A 350 9.39 1.78 43.65
CA LYS A 350 10.76 2.24 43.85
C LYS A 350 11.42 1.45 45.00
N GLU A 351 10.71 1.31 46.12
CA GLU A 351 11.25 0.69 47.34
C GLU A 351 11.43 -0.82 47.16
N PHE A 352 10.49 -1.46 46.44
CA PHE A 352 10.57 -2.89 46.14
C PHE A 352 11.86 -3.21 45.38
N PHE A 353 12.28 -2.29 44.50
CA PHE A 353 13.49 -2.45 43.68
C PHE A 353 14.67 -1.65 44.27
N ASN A 354 14.67 -1.52 45.60
CA ASN A 354 15.79 -0.98 46.39
C ASN A 354 16.26 0.36 45.81
N GLY A 355 15.31 1.26 45.55
CA GLY A 355 15.56 2.67 45.25
C GLY A 355 15.81 2.98 43.78
N LYS A 356 15.53 2.01 42.89
CA LYS A 356 15.72 2.19 41.45
C LYS A 356 14.59 3.05 40.88
N GLU A 357 14.95 4.04 40.05
CA GLU A 357 14.01 5.02 39.49
C GLU A 357 13.28 4.41 38.30
N PRO A 358 11.93 4.49 38.25
CA PRO A 358 11.19 4.17 37.02
C PRO A 358 11.47 5.17 35.89
N SER A 359 11.16 4.75 34.65
CA SER A 359 11.20 5.63 33.49
C SER A 359 10.09 6.68 33.63
N ARG A 360 10.37 7.91 33.16
CA ARG A 360 9.42 9.02 33.15
C ARG A 360 9.61 9.80 31.85
N GLY A 361 8.59 10.59 31.47
CA GLY A 361 8.64 11.45 30.29
C GLY A 361 7.43 11.32 29.39
N ILE A 362 6.71 10.20 29.47
CA ILE A 362 5.53 9.95 28.62
C ILE A 362 4.27 9.94 29.49
N ASN A 363 3.19 10.52 28.96
CA ASN A 363 1.85 10.48 29.56
C ASN A 363 1.45 9.02 29.71
N PRO A 364 1.31 8.49 30.95
CA PRO A 364 1.09 7.05 31.14
C PRO A 364 -0.28 6.55 30.66
N ASP A 365 -1.21 7.48 30.42
CA ASP A 365 -2.49 7.16 29.82
C ASP A 365 -2.32 6.86 28.32
N GLU A 366 -1.24 7.41 27.72
CA GLU A 366 -1.06 7.46 26.27
C GLU A 366 0.11 6.58 25.80
N ALA A 367 0.92 6.08 26.75
CA ALA A 367 2.21 5.43 26.44
C ALA A 367 2.02 4.29 25.42
N VAL A 368 0.93 3.53 25.54
CA VAL A 368 0.69 2.34 24.73
C VAL A 368 0.33 2.75 23.30
N ALA A 369 -0.54 3.75 23.16
CA ALA A 369 -0.89 4.31 21.85
C ALA A 369 0.36 4.89 21.18
N TYR A 370 1.16 5.60 21.99
CA TYR A 370 2.43 6.20 21.55
C TYR A 370 3.27 5.13 20.83
N GLY A 371 3.49 4.01 21.52
CA GLY A 371 4.31 2.90 21.02
C GLY A 371 3.73 2.30 19.73
N ALA A 372 2.40 2.14 19.71
CA ALA A 372 1.70 1.63 18.53
C ALA A 372 1.90 2.57 17.35
N ALA A 373 1.87 3.89 17.62
CA ALA A 373 2.03 4.92 16.59
C ALA A 373 3.44 4.87 15.99
N VAL A 374 4.45 4.56 16.82
CA VAL A 374 5.84 4.43 16.36
C VAL A 374 5.95 3.24 15.38
N GLN A 375 5.31 2.12 15.73
CA GLN A 375 5.27 0.93 14.89
C GLN A 375 4.51 1.23 13.58
N ALA A 376 3.45 2.04 13.68
CA ALA A 376 2.68 2.51 12.53
C ALA A 376 3.58 3.41 11.65
N GLY A 377 4.38 4.27 12.30
CA GLY A 377 5.35 5.13 11.63
C GLY A 377 6.32 4.35 10.76
N VAL A 378 6.74 3.16 11.24
CA VAL A 378 7.67 2.29 10.53
C VAL A 378 6.98 1.70 9.29
N LEU A 379 5.68 1.41 9.40
CA LEU A 379 4.93 0.68 8.37
C LEU A 379 4.23 1.65 7.39
N SER A 380 4.33 2.95 7.63
CA SER A 380 3.70 3.97 6.76
C SER A 380 4.43 4.03 5.41
N ARG B 2 26.08 -12.10 34.42
CA ARG B 2 24.76 -12.64 33.94
C ARG B 2 25.00 -13.91 33.13
N PRO B 3 24.03 -14.86 33.12
CA PRO B 3 24.19 -16.13 32.41
C PRO B 3 24.40 -15.95 30.89
N GLY B 4 25.54 -16.45 30.39
CA GLY B 4 25.85 -16.49 28.96
C GLY B 4 26.62 -15.28 28.47
N ASP B 5 26.86 -14.30 29.36
CA ASP B 5 27.55 -13.06 29.02
C ASP B 5 29.05 -13.32 28.95
N CYS B 6 29.74 -12.63 28.02
CA CYS B 6 31.20 -12.74 27.81
C CYS B 6 31.58 -14.18 27.44
N GLU B 7 30.74 -14.83 26.62
CA GLU B 7 30.84 -16.27 26.32
C GLU B 7 32.22 -16.60 25.74
N VAL B 8 32.56 -15.93 24.64
CA VAL B 8 33.80 -16.19 23.89
C VAL B 8 34.99 -15.73 24.73
N CYS B 9 34.84 -14.60 25.42
CA CYS B 9 35.90 -14.05 26.28
C CYS B 9 36.29 -15.08 27.36
N ILE B 10 35.28 -15.62 28.06
CA ILE B 10 35.49 -16.54 29.18
C ILE B 10 36.03 -17.88 28.67
N SER B 11 35.43 -18.37 27.57
CA SER B 11 35.83 -19.63 26.95
C SER B 11 37.31 -19.58 26.55
N TYR B 12 37.71 -18.51 25.86
CA TYR B 12 39.03 -18.40 25.24
C TYR B 12 40.11 -18.15 26.29
N LEU B 13 39.92 -17.12 27.12
CA LEU B 13 40.90 -16.76 28.14
C LEU B 13 40.97 -17.85 29.22
N GLY B 14 39.85 -18.58 29.39
CA GLY B 14 39.80 -19.76 30.24
C GLY B 14 40.72 -20.87 29.75
N ARG B 15 40.63 -21.17 28.45
CA ARG B 15 41.48 -22.17 27.80
C ARG B 15 42.94 -21.72 27.83
N PHE B 16 43.17 -20.41 27.67
CA PHE B 16 44.50 -19.81 27.73
C PHE B 16 45.10 -20.03 29.13
N TYR B 17 44.32 -19.67 30.16
CA TYR B 17 44.73 -19.81 31.57
C TYR B 17 45.16 -21.25 31.86
N GLN B 18 44.30 -22.21 31.47
CA GLN B 18 44.52 -23.62 31.75
C GLN B 18 45.77 -24.13 31.01
N ASP B 19 46.04 -23.55 29.83
CA ASP B 19 47.19 -23.93 29.01
C ASP B 19 48.49 -23.47 29.70
N LEU B 20 48.49 -22.26 30.25
CA LEU B 20 49.63 -21.72 31.00
C LEU B 20 49.95 -22.63 32.19
N LYS B 21 48.91 -23.14 32.86
CA LYS B 21 49.05 -24.00 34.04
C LYS B 21 49.60 -25.37 33.63
N ASP B 22 49.12 -25.91 32.51
CA ASP B 22 49.49 -27.24 32.02
C ASP B 22 50.96 -27.25 31.59
N ARG B 23 51.46 -26.13 31.06
CA ARG B 23 52.83 -26.02 30.55
C ARG B 23 53.80 -25.44 31.59
N ASP B 24 53.31 -25.18 32.82
CA ASP B 24 54.10 -24.69 33.96
C ASP B 24 54.77 -23.34 33.62
N VAL B 25 54.03 -22.45 32.95
CA VAL B 25 54.53 -21.14 32.59
C VAL B 25 54.53 -20.27 33.86
N THR B 26 55.57 -19.43 33.99
CA THR B 26 55.72 -18.48 35.09
C THR B 26 54.70 -17.35 34.89
N PHE B 27 53.88 -17.11 35.93
CA PHE B 27 52.82 -16.11 35.89
C PHE B 27 53.40 -14.74 36.23
N SER B 28 54.00 -14.10 35.22
CA SER B 28 54.46 -12.73 35.27
C SER B 28 53.87 -11.97 34.09
N PRO B 29 53.46 -10.68 34.26
CA PRO B 29 52.79 -9.94 33.20
C PRO B 29 53.49 -9.99 31.84
N ALA B 30 54.83 -9.87 31.85
CA ALA B 30 55.65 -9.89 30.64
C ALA B 30 55.44 -11.21 29.87
N THR B 31 55.63 -12.32 30.57
CA THR B 31 55.54 -13.68 30.00
C THR B 31 54.13 -13.90 29.44
N ILE B 32 53.11 -13.52 30.21
CA ILE B 32 51.71 -13.81 29.91
C ILE B 32 51.28 -13.05 28.63
N GLU B 33 51.70 -11.79 28.51
CA GLU B 33 51.45 -10.98 27.30
C GLU B 33 52.02 -11.68 26.08
N GLU B 34 53.29 -12.10 26.20
CA GLU B 34 54.03 -12.75 25.12
C GLU B 34 53.31 -14.03 24.69
N GLU B 35 52.90 -14.84 25.68
CA GLU B 35 52.24 -16.13 25.45
C GLU B 35 50.84 -15.91 24.84
N LEU B 36 50.18 -14.82 25.23
CA LEU B 36 48.83 -14.50 24.74
C LEU B 36 48.88 -14.14 23.24
N ILE B 37 49.95 -13.45 22.82
CA ILE B 37 50.13 -13.06 21.42
C ILE B 37 50.41 -14.31 20.58
N LYS B 38 51.21 -15.24 21.12
CA LYS B 38 51.51 -16.53 20.46
C LYS B 38 50.21 -17.34 20.33
N PHE B 39 49.43 -17.37 21.42
CA PHE B 39 48.16 -18.12 21.49
C PHE B 39 47.15 -17.53 20.48
N CYS B 40 47.19 -16.19 20.31
CA CYS B 40 46.23 -15.47 19.47
C CYS B 40 46.57 -15.59 17.98
N ARG B 41 47.85 -15.85 17.66
CA ARG B 41 48.30 -15.99 16.27
C ARG B 41 47.55 -17.12 15.57
N GLU B 42 47.15 -18.14 16.33
CA GLU B 42 46.52 -19.35 15.80
C GLU B 42 45.00 -19.32 16.06
N ALA B 43 44.42 -18.13 16.24
CA ALA B 43 43.01 -17.97 16.60
C ALA B 43 42.14 -17.80 15.35
N ARG B 44 40.93 -18.36 15.39
CA ARG B 44 40.01 -18.41 14.25
C ARG B 44 38.63 -17.86 14.65
N GLY B 45 37.95 -17.22 13.70
CA GLY B 45 36.55 -16.83 13.82
C GLY B 45 36.33 -15.74 14.86
N LYS B 46 35.39 -15.99 15.77
CA LYS B 46 35.00 -15.03 16.82
C LYS B 46 36.19 -14.78 17.75
N GLU B 47 37.01 -15.82 17.96
CA GLU B 47 38.18 -15.76 18.83
C GLU B 47 39.25 -14.84 18.21
N ASN B 48 39.27 -14.76 16.88
CA ASN B 48 40.12 -13.82 16.13
C ASN B 48 39.73 -12.39 16.51
N ARG B 49 38.43 -12.09 16.42
CA ARG B 49 37.88 -10.75 16.72
C ARG B 49 38.19 -10.38 18.18
N LEU B 50 38.01 -11.34 19.10
CA LEU B 50 38.35 -11.16 20.52
C LEU B 50 39.81 -10.75 20.65
N CYS B 51 40.70 -11.49 19.96
CA CYS B 51 42.15 -11.28 20.03
C CYS B 51 42.50 -9.87 19.52
N TYR B 52 41.72 -9.34 18.58
CA TYR B 52 41.92 -7.99 18.05
C TYR B 52 41.46 -6.94 19.08
N TYR B 53 40.30 -7.18 19.70
CA TYR B 53 39.70 -6.21 20.64
C TYR B 53 40.54 -6.07 21.91
N ILE B 54 41.28 -7.13 22.28
CA ILE B 54 42.17 -7.10 23.44
C ILE B 54 43.63 -6.83 23.02
N GLY B 55 43.87 -6.51 21.74
CA GLY B 55 45.14 -5.96 21.27
C GLY B 55 46.30 -6.94 21.35
N ALA B 56 46.10 -8.14 20.79
CA ALA B 56 47.07 -9.23 20.86
C ALA B 56 47.29 -9.82 19.46
N THR B 57 47.61 -8.92 18.51
CA THR B 57 47.83 -9.29 17.10
C THR B 57 49.04 -8.51 16.55
N LYS B 63 46.83 -0.83 23.33
CA LYS B 63 47.63 -1.27 24.46
C LYS B 63 46.71 -1.72 25.61
N ILE B 64 45.65 -2.47 25.27
CA ILE B 64 44.60 -2.90 26.22
C ILE B 64 44.90 -4.32 26.71
N ILE B 65 45.94 -4.96 26.16
CA ILE B 65 46.35 -6.32 26.54
C ILE B 65 46.76 -6.36 28.01
N ASN B 66 47.11 -5.20 28.59
CA ASN B 66 47.47 -5.04 30.00
C ASN B 66 46.30 -5.43 30.91
N GLU B 67 45.06 -5.21 30.44
CA GLU B 67 43.84 -5.50 31.19
C GLU B 67 43.64 -7.02 31.34
N VAL B 68 44.33 -7.81 30.51
CA VAL B 68 44.30 -9.28 30.60
C VAL B 68 45.52 -9.75 31.39
N SER B 69 46.72 -9.35 30.97
CA SER B 69 48.00 -9.93 31.40
C SER B 69 48.26 -9.70 32.90
N LYS B 70 47.94 -8.50 33.40
CA LYS B 70 48.27 -8.11 34.77
C LYS B 70 47.30 -8.77 35.75
N PRO B 71 45.96 -8.69 35.56
CA PRO B 71 45.02 -9.45 36.39
C PRO B 71 45.26 -10.97 36.40
N LEU B 72 45.67 -11.53 35.25
CA LEU B 72 45.95 -12.96 35.10
C LEU B 72 47.17 -13.34 35.97
N ALA B 73 48.14 -12.43 36.07
CA ALA B 73 49.35 -12.63 36.88
C ALA B 73 48.96 -12.79 38.36
N HIS B 74 47.93 -12.07 38.79
CA HIS B 74 47.40 -12.12 40.17
C HIS B 74 46.30 -13.19 40.31
N HIS B 75 46.17 -14.05 39.27
CA HIS B 75 45.23 -15.18 39.25
C HIS B 75 43.79 -14.72 39.50
N ILE B 76 43.43 -13.58 38.92
CA ILE B 76 42.06 -13.06 38.97
C ILE B 76 41.19 -13.93 38.05
N PRO B 77 40.01 -14.41 38.51
CA PRO B 77 39.10 -15.17 37.66
C PRO B 77 38.80 -14.47 36.32
N VAL B 78 38.75 -15.26 35.25
CA VAL B 78 38.54 -14.76 33.88
C VAL B 78 37.18 -14.05 33.79
N GLU B 79 36.19 -14.52 34.56
CA GLU B 79 34.86 -13.90 34.62
C GLU B 79 35.00 -12.41 34.99
N LYS B 80 35.78 -12.13 36.04
CA LYS B 80 36.02 -10.77 36.53
C LYS B 80 36.80 -9.96 35.49
N ILE B 81 37.78 -10.60 34.83
CA ILE B 81 38.64 -9.94 33.83
C ILE B 81 37.77 -9.47 32.65
N CYS B 82 36.91 -10.35 32.14
CA CYS B 82 36.05 -10.05 31.00
C CYS B 82 35.00 -8.98 31.37
N GLU B 83 34.46 -9.09 32.59
CA GLU B 83 33.49 -8.13 33.13
C GLU B 83 34.11 -6.73 33.15
N LYS B 84 35.42 -6.66 33.45
CA LYS B 84 36.17 -5.39 33.50
C LYS B 84 36.35 -4.85 32.08
N LEU B 85 36.67 -5.73 31.12
CA LEU B 85 36.85 -5.36 29.71
C LEU B 85 35.54 -4.83 29.13
N LYS B 86 34.41 -5.35 29.63
CA LYS B 86 33.06 -4.88 29.30
C LYS B 86 32.99 -3.35 29.42
N LYS B 87 33.67 -2.80 30.43
CA LYS B 87 33.71 -1.34 30.69
C LYS B 87 34.50 -0.62 29.60
N LYS B 88 35.60 -1.22 29.13
CA LYS B 88 36.48 -0.62 28.11
C LYS B 88 35.84 -0.73 26.72
N ASP B 89 35.45 -1.94 26.33
CA ASP B 89 34.82 -2.19 25.03
C ASP B 89 33.61 -3.13 25.23
N SER B 90 32.45 -2.68 24.74
CA SER B 90 31.17 -3.37 24.91
C SER B 90 31.13 -4.66 24.08
N GLN B 91 31.80 -4.65 22.92
CA GLN B 91 31.69 -5.72 21.92
C GLN B 91 32.53 -6.95 22.31
N ILE B 92 33.44 -6.81 23.28
CA ILE B 92 34.26 -7.93 23.77
C ILE B 92 33.34 -9.01 24.37
N CYS B 93 32.41 -8.59 25.24
CA CYS B 93 31.53 -9.52 25.96
C CYS B 93 30.26 -9.84 25.14
N GLU B 94 30.06 -9.12 24.04
CA GLU B 94 28.90 -9.30 23.16
C GLU B 94 29.13 -10.51 22.23
N LEU B 95 30.39 -10.88 22.01
CA LEU B 95 30.77 -11.99 21.13
C LEU B 95 30.22 -13.31 21.68
N LYS B 96 29.65 -14.12 20.78
CA LYS B 96 29.16 -15.47 21.06
C LYS B 96 29.52 -16.36 19.86
N TYR B 97 29.66 -17.66 20.14
CA TYR B 97 29.93 -18.66 19.11
C TYR B 97 28.65 -18.88 18.28
N ASP B 98 28.79 -18.71 16.96
CA ASP B 98 27.69 -18.91 16.01
C ASP B 98 27.61 -20.40 15.63
N ASN B 99 26.60 -21.06 16.18
CA ASN B 99 26.32 -22.49 15.98
C ASN B 99 25.84 -22.68 14.54
N GLN B 100 26.10 -23.86 13.97
CA GLN B 100 25.60 -24.24 12.64
C GLN B 100 24.10 -24.54 12.75
N ILE B 101 23.30 -24.03 11.81
CA ILE B 101 21.84 -24.06 11.89
C ILE B 101 21.30 -24.93 10.75
N ASP B 102 20.59 -26.00 11.13
CA ASP B 102 19.88 -26.87 10.20
C ASP B 102 18.39 -26.51 10.24
N LEU B 103 17.91 -25.86 9.18
CA LEU B 103 16.54 -25.33 9.14
C LEU B 103 15.51 -26.47 9.17
N SER B 104 15.92 -27.68 8.77
CA SER B 104 15.03 -28.82 8.68
C SER B 104 14.71 -29.41 10.07
N THR B 105 15.54 -29.10 11.08
CA THR B 105 15.39 -29.73 12.42
C THR B 105 15.41 -28.71 13.57
N VAL B 106 15.78 -27.46 13.31
CA VAL B 106 16.09 -26.50 14.39
C VAL B 106 14.78 -26.07 15.08
N ASP B 107 14.88 -25.85 16.40
CA ASP B 107 13.83 -25.22 17.20
C ASP B 107 14.08 -23.70 17.20
N LEU B 108 13.22 -22.97 16.49
CA LEU B 108 13.36 -21.52 16.29
C LEU B 108 13.18 -20.76 17.62
N LYS B 109 12.45 -21.37 18.57
CA LYS B 109 12.20 -20.80 19.89
C LYS B 109 13.51 -20.63 20.69
N LYS B 110 14.49 -21.49 20.42
CA LYS B 110 15.71 -21.60 21.24
C LYS B 110 16.87 -20.83 20.60
N LEU B 111 16.61 -20.14 19.47
CA LEU B 111 17.62 -19.33 18.80
C LEU B 111 17.66 -17.93 19.42
N ARG B 112 18.85 -17.33 19.43
CA ARG B 112 19.05 -15.94 19.82
C ARG B 112 18.48 -15.05 18.70
N VAL B 113 18.21 -13.79 19.02
CA VAL B 113 17.60 -12.85 18.10
C VAL B 113 18.51 -12.65 16.88
N LYS B 114 19.83 -12.51 17.13
CA LYS B 114 20.83 -12.27 16.07
C LYS B 114 20.79 -13.42 15.05
N GLU B 115 20.56 -14.65 15.52
CA GLU B 115 20.49 -15.85 14.66
C GLU B 115 19.23 -15.82 13.78
N LEU B 116 18.09 -15.42 14.37
CA LEU B 116 16.81 -15.34 13.66
C LEU B 116 16.89 -14.28 12.55
N LYS B 117 17.56 -13.16 12.86
CA LYS B 117 17.78 -12.08 11.89
C LYS B 117 18.58 -12.58 10.70
N LYS B 118 19.60 -13.42 10.98
CA LYS B 118 20.54 -13.89 9.97
C LYS B 118 19.83 -14.82 8.97
N ILE B 119 18.90 -15.64 9.46
CA ILE B 119 18.11 -16.56 8.63
C ILE B 119 17.36 -15.73 7.58
N LEU B 120 16.66 -14.69 8.03
CA LEU B 120 15.91 -13.81 7.15
C LEU B 120 16.87 -13.06 6.23
N ASP B 121 17.95 -12.54 6.81
CA ASP B 121 18.89 -11.67 6.11
C ASP B 121 19.61 -12.42 4.97
N ASP B 122 19.83 -13.73 5.16
CA ASP B 122 20.49 -14.58 4.15
C ASP B 122 19.55 -14.84 2.97
N TRP B 123 18.23 -14.82 3.20
CA TRP B 123 17.23 -14.95 2.14
C TRP B 123 17.06 -13.62 1.41
N GLY B 124 17.48 -12.52 2.03
CA GLY B 124 17.34 -11.16 1.51
C GLY B 124 16.08 -10.49 2.04
N GLU B 125 15.55 -11.03 3.14
CA GLU B 125 14.33 -10.56 3.78
C GLU B 125 14.68 -9.78 5.05
N MET B 126 13.78 -8.88 5.44
CA MET B 126 13.84 -8.19 6.72
C MET B 126 12.49 -8.39 7.43
N CYS B 127 12.48 -8.16 8.75
CA CYS B 127 11.25 -8.17 9.55
C CYS B 127 10.88 -6.72 9.88
N LYS B 128 10.22 -6.06 8.93
CA LYS B 128 9.86 -4.65 9.02
C LYS B 128 8.72 -4.50 10.05
N GLY B 129 8.98 -3.74 11.12
CA GLY B 129 8.02 -3.51 12.19
C GLY B 129 7.69 -4.80 12.94
N CYS B 130 8.74 -5.54 13.32
CA CYS B 130 8.64 -6.76 14.11
C CYS B 130 9.21 -6.50 15.51
N ALA B 131 8.32 -6.36 16.49
CA ALA B 131 8.67 -5.91 17.84
C ALA B 131 9.20 -7.08 18.68
N GLU B 132 8.61 -8.28 18.50
CA GLU B 132 8.85 -9.41 19.39
C GLU B 132 9.50 -10.57 18.62
N LYS B 133 10.02 -11.53 19.40
CA LYS B 133 10.74 -12.68 18.89
C LYS B 133 9.80 -13.58 18.09
N SER B 134 8.55 -13.73 18.58
CA SER B 134 7.54 -14.56 17.94
C SER B 134 7.16 -14.03 16.55
N ASP B 135 7.34 -12.71 16.33
CA ASP B 135 7.11 -12.08 15.02
C ASP B 135 8.15 -12.60 14.01
N TYR B 136 9.42 -12.66 14.44
CA TYR B 136 10.51 -13.17 13.63
C TYR B 136 10.26 -14.66 13.32
N ILE B 137 9.78 -15.40 14.31
CA ILE B 137 9.55 -16.84 14.19
C ILE B 137 8.39 -17.10 13.20
N ARG B 138 7.34 -16.28 13.28
CA ARG B 138 6.18 -16.40 12.38
C ARG B 138 6.61 -16.13 10.93
N LYS B 139 7.45 -15.11 10.73
CA LYS B 139 7.91 -14.69 9.39
C LYS B 139 8.78 -15.78 8.76
N ILE B 140 9.61 -16.44 9.58
CA ILE B 140 10.51 -17.50 9.10
C ILE B 140 9.67 -18.72 8.66
N ASN B 141 8.69 -19.10 9.48
CA ASN B 141 7.77 -20.21 9.19
C ASN B 141 6.94 -19.90 7.94
N GLU B 142 6.47 -18.65 7.85
CA GLU B 142 5.69 -18.15 6.73
C GLU B 142 6.48 -18.27 5.43
N LEU B 143 7.76 -17.86 5.46
CA LEU B 143 8.56 -17.67 4.25
C LEU B 143 9.45 -18.89 3.92
N MET B 144 9.58 -19.84 4.85
CA MET B 144 10.53 -20.95 4.67
C MET B 144 10.13 -21.80 3.46
N PRO B 145 8.84 -22.16 3.27
CA PRO B 145 8.43 -22.95 2.11
C PRO B 145 8.86 -22.37 0.74
N LYS B 146 9.02 -21.05 0.69
CA LYS B 146 9.38 -20.33 -0.54
C LYS B 146 10.91 -20.33 -0.74
N TYR B 147 11.67 -20.10 0.35
CA TYR B 147 13.12 -19.88 0.27
C TYR B 147 13.88 -21.21 0.45
N ALA B 148 13.42 -22.06 1.38
CA ALA B 148 14.05 -23.36 1.64
C ALA B 148 12.97 -24.44 1.69
N PRO B 149 12.42 -24.88 0.52
CA PRO B 149 11.29 -25.79 0.48
C PRO B 149 11.59 -27.19 1.09
N LYS B 150 12.81 -27.69 0.85
CA LYS B 150 13.23 -28.98 1.38
C LYS B 150 13.23 -28.95 2.91
N ALA B 151 13.70 -27.84 3.48
CA ALA B 151 13.76 -27.66 4.93
C ALA B 151 12.33 -27.59 5.51
N ALA B 152 11.47 -26.77 4.90
CA ALA B 152 10.09 -26.55 5.36
C ALA B 152 9.30 -27.86 5.33
N SER B 153 9.56 -28.69 4.31
CA SER B 153 8.83 -29.94 4.07
C SER B 153 9.26 -31.04 5.05
N ALA B 154 10.44 -30.88 5.67
CA ALA B 154 10.98 -31.85 6.62
C ALA B 154 10.54 -31.57 8.06
N ARG B 155 10.00 -30.36 8.31
CA ARG B 155 9.63 -29.92 9.67
C ARG B 155 8.30 -30.55 10.07
N THR B 156 8.11 -30.72 11.39
CA THR B 156 7.00 -31.49 11.97
C THR B 156 5.97 -30.54 12.60
N ASP B 157 6.06 -29.24 12.33
CA ASP B 157 5.16 -28.23 12.87
C ASP B 157 3.80 -28.35 12.16
N LEU B 158 2.74 -28.64 12.92
CA LEU B 158 1.38 -28.82 12.38
C LEU B 158 0.82 -27.45 11.93
N SER C 1 -1.42 -1.86 -52.90
CA SER C 1 -1.15 -2.00 -51.43
C SER C 1 -0.77 -3.45 -51.09
N GLY C 2 -1.44 -4.42 -51.73
CA GLY C 2 -1.21 -5.84 -51.47
C GLY C 2 -1.73 -6.24 -50.10
N THR C 3 -0.95 -7.05 -49.39
CA THR C 3 -1.18 -7.33 -47.97
C THR C 3 -0.44 -6.27 -47.14
N VAL C 4 -1.21 -5.38 -46.51
CA VAL C 4 -0.69 -4.35 -45.63
C VAL C 4 -0.48 -4.96 -44.24
N VAL C 5 0.60 -4.56 -43.56
CA VAL C 5 0.96 -5.07 -42.24
C VAL C 5 0.85 -3.94 -41.21
N GLY C 6 0.52 -4.31 -39.97
CA GLY C 6 0.50 -3.40 -38.84
C GLY C 6 1.74 -3.59 -37.97
N ILE C 7 2.45 -2.49 -37.68
CA ILE C 7 3.73 -2.52 -36.98
C ILE C 7 3.68 -1.58 -35.78
N ASP C 8 3.84 -2.16 -34.58
CA ASP C 8 4.18 -1.43 -33.36
C ASP C 8 5.71 -1.23 -33.34
N LEU C 9 6.15 -0.01 -33.63
CA LEU C 9 7.56 0.37 -33.58
C LEU C 9 7.86 0.94 -32.19
N GLY C 10 8.13 0.05 -31.22
CA GLY C 10 8.31 0.41 -29.82
C GLY C 10 9.74 0.85 -29.51
N THR C 11 9.90 1.54 -28.38
CA THR C 11 11.17 2.09 -27.94
C THR C 11 12.19 0.96 -27.71
N THR C 12 11.77 -0.09 -27.00
CA THR C 12 12.63 -1.22 -26.64
C THR C 12 12.30 -2.47 -27.48
N TYR C 13 11.00 -2.72 -27.71
CA TYR C 13 10.52 -3.90 -28.45
C TYR C 13 9.57 -3.46 -29.56
N SER C 14 9.58 -4.19 -30.67
CA SER C 14 8.69 -3.97 -31.82
C SER C 14 7.89 -5.24 -32.11
N CYS C 15 6.73 -5.08 -32.75
CA CYS C 15 5.77 -6.15 -32.98
C CYS C 15 5.09 -5.95 -34.34
N VAL C 16 4.75 -7.06 -35.02
CA VAL C 16 4.18 -7.00 -36.37
C VAL C 16 3.02 -7.98 -36.48
N GLY C 17 1.95 -7.54 -37.13
CA GLY C 17 0.75 -8.35 -37.34
C GLY C 17 0.15 -8.13 -38.71
N VAL C 18 -0.79 -9.02 -39.07
CA VAL C 18 -1.48 -8.98 -40.35
C VAL C 18 -2.91 -9.51 -40.15
N PHE C 19 -3.84 -9.03 -40.98
CA PHE C 19 -5.24 -9.44 -40.95
C PHE C 19 -5.49 -10.41 -42.12
N LYS C 20 -5.96 -11.62 -41.80
CA LYS C 20 -6.36 -12.61 -42.80
C LYS C 20 -7.42 -13.55 -42.20
N ASN C 21 -8.39 -13.94 -43.04
CA ASN C 21 -9.47 -14.87 -42.69
C ASN C 21 -10.28 -14.31 -41.52
N GLY C 22 -10.50 -13.00 -41.53
CA GLY C 22 -11.32 -12.31 -40.53
C GLY C 22 -10.77 -12.45 -39.12
N ARG C 23 -9.45 -12.33 -38.98
CA ARG C 23 -8.79 -12.34 -37.67
C ARG C 23 -7.35 -11.82 -37.81
N VAL C 24 -6.80 -11.36 -36.68
CA VAL C 24 -5.41 -10.90 -36.60
C VAL C 24 -4.52 -12.09 -36.26
N GLU C 25 -3.39 -12.17 -36.98
CA GLU C 25 -2.29 -13.06 -36.64
C GLU C 25 -1.05 -12.21 -36.35
N ILE C 26 -0.56 -12.27 -35.11
CA ILE C 26 0.71 -11.65 -34.74
C ILE C 26 1.82 -12.62 -35.15
N ILE C 27 2.77 -12.11 -35.95
CA ILE C 27 3.76 -12.94 -36.62
C ILE C 27 4.98 -13.10 -35.71
N ALA C 28 5.40 -14.35 -35.52
CA ALA C 28 6.64 -14.69 -34.82
C ALA C 28 7.83 -14.49 -35.78
N ASN C 29 8.93 -13.94 -35.24
CA ASN C 29 10.17 -13.77 -36.00
C ASN C 29 10.84 -15.15 -36.14
N ASP C 30 12.01 -15.18 -36.78
CA ASP C 30 12.68 -16.43 -37.15
C ASP C 30 13.31 -17.11 -35.92
N GLN C 31 13.31 -16.43 -34.75
CA GLN C 31 13.74 -17.02 -33.46
C GLN C 31 12.52 -17.42 -32.62
N GLY C 32 11.31 -17.24 -33.17
CA GLY C 32 10.07 -17.76 -32.58
C GLY C 32 9.41 -16.80 -31.59
N ASN C 33 9.84 -15.53 -31.60
CA ASN C 33 9.35 -14.51 -30.67
C ASN C 33 8.40 -13.56 -31.40
N ARG C 34 7.27 -13.24 -30.77
CA ARG C 34 6.23 -12.39 -31.36
C ARG C 34 6.58 -10.91 -31.16
N ILE C 35 7.50 -10.62 -30.23
CA ILE C 35 8.12 -9.30 -30.11
C ILE C 35 9.60 -9.41 -30.49
N THR C 36 10.16 -8.29 -30.96
CA THR C 36 11.52 -8.21 -31.48
C THR C 36 12.18 -6.94 -30.92
N PRO C 37 13.30 -7.05 -30.18
CA PRO C 37 13.97 -5.88 -29.63
C PRO C 37 14.33 -4.85 -30.71
N SER C 38 14.08 -3.57 -30.42
CA SER C 38 14.42 -2.47 -31.32
C SER C 38 15.91 -2.14 -31.17
N TYR C 39 16.76 -3.12 -31.49
CA TYR C 39 18.21 -3.06 -31.25
C TYR C 39 18.96 -3.24 -32.58
N VAL C 40 20.04 -2.47 -32.73
CA VAL C 40 20.98 -2.59 -33.85
C VAL C 40 22.40 -2.61 -33.28
N ALA C 41 23.27 -3.43 -33.86
CA ALA C 41 24.66 -3.54 -33.42
C ALA C 41 25.53 -4.07 -34.56
N PHE C 42 26.83 -3.79 -34.46
CA PHE C 42 27.85 -4.30 -35.38
C PHE C 42 28.91 -5.05 -34.58
N THR C 43 29.36 -6.19 -35.11
CA THR C 43 30.35 -7.06 -34.46
C THR C 43 31.74 -6.48 -34.70
N PRO C 44 32.79 -7.01 -34.02
CA PRO C 44 34.18 -6.74 -34.42
C PRO C 44 34.43 -6.98 -35.91
N GLU C 45 33.73 -7.97 -36.49
CA GLU C 45 33.71 -8.24 -37.93
C GLU C 45 32.67 -7.31 -38.58
N GLY C 46 32.45 -7.48 -39.89
CA GLY C 46 31.56 -6.60 -40.66
C GLY C 46 30.08 -6.80 -40.38
N GLU C 47 29.71 -7.87 -39.65
CA GLU C 47 28.32 -8.35 -39.53
C GLU C 47 27.44 -7.30 -38.82
N ARG C 48 26.29 -6.99 -39.44
CA ARG C 48 25.23 -6.16 -38.86
C ARG C 48 24.15 -7.07 -38.25
N LEU C 49 23.74 -6.75 -37.02
CA LEU C 49 22.77 -7.53 -36.26
C LEU C 49 21.57 -6.66 -35.91
N ILE C 50 20.36 -7.21 -36.09
CA ILE C 50 19.11 -6.55 -35.76
C ILE C 50 18.24 -7.52 -34.97
N GLY C 51 17.66 -7.04 -33.87
CA GLY C 51 16.69 -7.79 -33.08
C GLY C 51 17.35 -8.50 -31.89
N ASP C 52 16.92 -9.74 -31.66
CA ASP C 52 17.39 -10.57 -30.56
C ASP C 52 18.93 -10.66 -30.58
N ALA C 53 19.49 -10.95 -31.76
CA ALA C 53 20.94 -11.14 -31.93
C ALA C 53 21.72 -9.90 -31.48
N ALA C 54 21.17 -8.71 -31.74
CA ALA C 54 21.80 -7.44 -31.37
C ALA C 54 21.78 -7.24 -29.85
N LYS C 55 20.65 -7.59 -29.20
CA LYS C 55 20.45 -7.35 -27.77
C LYS C 55 21.28 -8.32 -26.92
N ASN C 56 21.55 -9.52 -27.47
CA ASN C 56 22.23 -10.59 -26.74
C ASN C 56 23.74 -10.30 -26.63
N GLN C 57 24.29 -9.54 -27.60
CA GLN C 57 25.72 -9.20 -27.62
C GLN C 57 25.96 -7.80 -27.04
N LEU C 58 24.92 -7.21 -26.42
CA LEU C 58 25.00 -5.89 -25.77
C LEU C 58 26.18 -5.85 -24.78
N THR C 59 26.29 -6.92 -23.97
CA THR C 59 27.27 -7.04 -22.89
C THR C 59 28.70 -6.87 -23.45
N SER C 60 29.01 -7.59 -24.53
CA SER C 60 30.37 -7.69 -25.08
C SER C 60 30.67 -6.52 -26.03
N ASN C 61 29.66 -5.72 -26.37
CA ASN C 61 29.79 -4.57 -27.25
C ASN C 61 28.94 -3.43 -26.68
N PRO C 62 29.33 -2.84 -25.53
CA PRO C 62 28.45 -1.93 -24.79
C PRO C 62 28.33 -0.50 -25.37
N GLU C 63 29.29 -0.12 -26.22
CA GLU C 63 29.42 1.27 -26.70
C GLU C 63 28.92 1.42 -28.14
N ASN C 64 28.71 0.31 -28.85
CA ASN C 64 28.32 0.34 -30.28
C ASN C 64 27.08 -0.54 -30.52
N THR C 65 26.22 -0.67 -29.49
CA THR C 65 24.91 -1.33 -29.62
C THR C 65 23.83 -0.26 -29.45
N VAL C 66 23.18 0.08 -30.57
CA VAL C 66 22.20 1.16 -30.62
C VAL C 66 20.84 0.62 -30.18
N PHE C 67 20.12 1.46 -29.42
CA PHE C 67 18.75 1.19 -28.97
C PHE C 67 18.15 2.51 -28.51
N ASP C 68 16.83 2.53 -28.31
CA ASP C 68 16.08 3.71 -27.89
C ASP C 68 16.27 4.85 -28.90
N ALA C 69 16.35 4.50 -30.19
CA ALA C 69 16.47 5.49 -31.27
C ALA C 69 15.18 6.33 -31.36
N LYS C 70 14.07 5.73 -30.91
CA LYS C 70 12.75 6.36 -30.89
C LYS C 70 12.73 7.60 -29.98
N ARG C 71 13.62 7.64 -28.98
CA ARG C 71 13.75 8.80 -28.09
C ARG C 71 14.28 10.02 -28.86
N LEU C 72 15.09 9.77 -29.89
CA LEU C 72 15.77 10.84 -30.65
C LEU C 72 15.02 11.18 -31.94
N ILE C 73 14.28 10.20 -32.50
CA ILE C 73 13.76 10.30 -33.86
C ILE C 73 12.88 11.55 -34.00
N GLY C 74 13.22 12.38 -34.99
CA GLY C 74 12.42 13.54 -35.39
C GLY C 74 12.61 14.75 -34.49
N ARG C 75 13.64 14.74 -33.64
CA ARG C 75 13.95 15.85 -32.73
C ARG C 75 15.16 16.61 -33.24
N THR C 76 15.31 17.86 -32.76
CA THR C 76 16.47 18.70 -33.02
C THR C 76 17.52 18.45 -31.92
N TRP C 77 18.73 18.96 -32.14
CA TRP C 77 19.83 18.83 -31.19
C TRP C 77 19.54 19.64 -29.91
N ASN C 78 18.98 20.84 -30.10
CA ASN C 78 18.73 21.81 -29.01
C ASN C 78 17.56 21.36 -28.12
N ASP C 79 16.75 20.41 -28.60
CA ASP C 79 15.59 19.87 -27.86
C ASP C 79 16.05 19.44 -26.47
N PRO C 80 15.44 19.96 -25.38
CA PRO C 80 15.79 19.54 -24.01
C PRO C 80 15.71 18.03 -23.76
N SER C 81 14.78 17.35 -24.43
CA SER C 81 14.59 15.90 -24.30
C SER C 81 15.87 15.14 -24.73
N VAL C 82 16.44 15.56 -25.86
CA VAL C 82 17.62 14.89 -26.44
C VAL C 82 18.80 15.05 -25.48
N GLN C 83 19.00 16.27 -24.97
CA GLN C 83 20.15 16.61 -24.12
C GLN C 83 20.10 15.85 -22.79
N GLN C 84 18.88 15.51 -22.34
CA GLN C 84 18.68 14.72 -21.12
C GLN C 84 19.06 13.25 -21.37
N ASP C 85 18.60 12.71 -22.52
CA ASP C 85 18.66 11.28 -22.79
C ASP C 85 20.08 10.82 -23.14
N ILE C 86 20.88 11.70 -23.76
CA ILE C 86 22.25 11.33 -24.22
C ILE C 86 23.16 11.02 -23.01
N LYS C 87 22.79 11.49 -21.82
CA LYS C 87 23.54 11.24 -20.59
C LYS C 87 23.25 9.82 -20.06
N PHE C 88 22.09 9.27 -20.44
CA PHE C 88 21.64 7.94 -19.99
C PHE C 88 22.04 6.85 -21.00
N LEU C 89 22.52 7.25 -22.19
CA LEU C 89 22.80 6.31 -23.29
C LEU C 89 24.29 6.02 -23.37
N PRO C 90 24.69 4.73 -23.48
CA PRO C 90 26.12 4.36 -23.53
C PRO C 90 26.81 4.71 -24.86
N PHE C 91 26.07 4.60 -25.98
CA PHE C 91 26.61 4.91 -27.31
C PHE C 91 26.68 6.43 -27.49
N LYS C 92 27.56 6.87 -28.40
CA LYS C 92 27.87 8.29 -28.59
C LYS C 92 26.84 8.92 -29.55
N VAL C 93 26.30 10.08 -29.14
CA VAL C 93 25.39 10.88 -29.96
C VAL C 93 26.05 12.25 -30.17
N VAL C 94 25.93 12.77 -31.40
CA VAL C 94 26.62 13.99 -31.81
C VAL C 94 25.68 14.81 -32.70
N GLU C 95 25.94 16.12 -32.78
CA GLU C 95 25.21 17.04 -33.64
C GLU C 95 25.70 16.89 -35.09
N LYS C 96 24.75 16.93 -36.03
CA LYS C 96 25.04 17.07 -37.45
C LYS C 96 23.83 17.73 -38.13
N LYS C 97 24.04 18.92 -38.69
CA LYS C 97 22.99 19.73 -39.32
C LYS C 97 21.88 20.01 -38.29
N THR C 98 22.31 20.37 -37.07
CA THR C 98 21.44 20.75 -35.94
C THR C 98 20.43 19.63 -35.61
N LYS C 99 20.87 18.38 -35.75
CA LYS C 99 20.04 17.19 -35.48
C LYS C 99 20.91 16.11 -34.86
N PRO C 100 20.35 15.20 -34.03
CA PRO C 100 21.14 14.16 -33.37
C PRO C 100 21.43 12.98 -34.31
N TYR C 101 22.70 12.53 -34.31
CA TYR C 101 23.13 11.38 -35.10
C TYR C 101 23.87 10.39 -34.18
N ILE C 102 23.73 9.10 -34.50
CA ILE C 102 24.27 8.01 -33.71
C ILE C 102 25.55 7.49 -34.40
N GLN C 103 26.68 7.59 -33.70
CA GLN C 103 28.01 7.25 -34.21
C GLN C 103 28.46 5.91 -33.62
N VAL C 104 28.77 4.95 -34.49
CA VAL C 104 29.12 3.58 -34.09
C VAL C 104 30.26 3.06 -34.98
N ASP C 105 30.90 1.98 -34.51
CA ASP C 105 31.95 1.26 -35.22
C ASP C 105 31.30 0.11 -36.02
N ILE C 106 31.72 -0.06 -37.28
CA ILE C 106 31.24 -1.15 -38.14
C ILE C 106 32.08 -2.40 -37.86
N GLY C 107 33.41 -2.24 -37.96
CA GLY C 107 34.37 -3.32 -37.81
C GLY C 107 35.65 -3.01 -38.56
N GLY C 108 36.79 -3.42 -37.97
CA GLY C 108 38.11 -3.09 -38.49
C GLY C 108 38.43 -1.62 -38.31
N GLY C 109 38.04 -1.08 -37.15
CA GLY C 109 38.33 0.30 -36.74
C GLY C 109 37.70 1.35 -37.65
N GLN C 110 36.54 1.01 -38.23
CA GLN C 110 35.79 1.94 -39.09
C GLN C 110 34.56 2.45 -38.33
N THR C 111 34.41 3.78 -38.29
CA THR C 111 33.26 4.43 -37.66
C THR C 111 32.25 4.84 -38.74
N LYS C 112 31.01 5.09 -38.32
CA LYS C 112 29.91 5.49 -39.20
C LYS C 112 28.82 6.18 -38.35
N THR C 113 28.15 7.17 -38.94
CA THR C 113 27.12 7.96 -38.27
C THR C 113 25.77 7.77 -38.96
N PHE C 114 24.81 7.22 -38.21
CA PHE C 114 23.46 6.95 -38.68
C PHE C 114 22.48 7.98 -38.08
N ALA C 115 21.47 8.34 -38.87
CA ALA C 115 20.33 9.10 -38.37
C ALA C 115 19.41 8.16 -37.61
N PRO C 116 18.71 8.64 -36.55
CA PRO C 116 17.71 7.81 -35.87
C PRO C 116 16.78 7.06 -36.83
N GLU C 117 16.38 7.72 -37.91
CA GLU C 117 15.50 7.17 -38.95
C GLU C 117 16.10 5.87 -39.52
N GLU C 118 17.41 5.87 -39.78
CA GLU C 118 18.12 4.76 -40.40
C GLU C 118 18.15 3.55 -39.45
N ILE C 119 18.31 3.82 -38.16
CA ILE C 119 18.28 2.79 -37.12
C ILE C 119 16.88 2.16 -37.08
N SER C 120 15.86 3.02 -37.03
CA SER C 120 14.46 2.58 -36.99
C SER C 120 14.11 1.85 -38.30
N ALA C 121 14.69 2.30 -39.41
CA ALA C 121 14.50 1.70 -40.73
C ALA C 121 15.01 0.25 -40.73
N MET C 122 16.16 0.03 -40.08
CA MET C 122 16.76 -1.30 -39.98
C MET C 122 15.82 -2.23 -39.19
N VAL C 123 15.25 -1.71 -38.10
CA VAL C 123 14.31 -2.46 -37.26
C VAL C 123 13.05 -2.77 -38.08
N LEU C 124 12.58 -1.78 -38.84
CA LEU C 124 11.39 -1.93 -39.67
C LEU C 124 11.62 -3.00 -40.75
N THR C 125 12.83 -2.99 -41.33
CA THR C 125 13.21 -3.98 -42.34
C THR C 125 13.08 -5.40 -41.75
N LYS C 126 13.47 -5.55 -40.49
CA LYS C 126 13.44 -6.85 -39.79
C LYS C 126 11.99 -7.29 -39.58
N MET C 127 11.10 -6.34 -39.23
CA MET C 127 9.67 -6.62 -39.07
C MET C 127 9.07 -6.98 -40.44
N LYS C 128 9.50 -6.24 -41.48
CA LYS C 128 9.09 -6.46 -42.86
C LYS C 128 9.46 -7.88 -43.30
N GLU C 129 10.72 -8.27 -43.04
CA GLU C 129 11.25 -9.58 -43.45
C GLU C 129 10.55 -10.69 -42.67
N THR C 130 10.28 -10.44 -41.38
CA THR C 130 9.50 -11.34 -40.51
C THR C 130 8.14 -11.63 -41.16
N ALA C 131 7.44 -10.56 -41.58
CA ALA C 131 6.11 -10.65 -42.18
C ALA C 131 6.17 -11.38 -43.53
N GLU C 132 7.19 -11.05 -44.33
CA GLU C 132 7.37 -11.64 -45.66
C GLU C 132 7.53 -13.16 -45.55
N ALA C 133 8.26 -13.62 -44.51
CA ALA C 133 8.53 -15.04 -44.30
C ALA C 133 7.23 -15.80 -44.00
N TYR C 134 6.32 -15.17 -43.24
CA TYR C 134 5.05 -15.78 -42.83
C TYR C 134 4.07 -15.80 -44.02
N LEU C 135 4.03 -14.71 -44.79
CA LEU C 135 3.06 -14.52 -45.88
C LEU C 135 3.52 -15.24 -47.15
N GLY C 136 4.83 -15.29 -47.37
CA GLY C 136 5.42 -15.93 -48.54
C GLY C 136 5.36 -15.04 -49.77
N LYS C 137 5.46 -13.72 -49.55
CA LYS C 137 5.44 -12.73 -50.61
C LYS C 137 5.92 -11.37 -50.06
N LYS C 138 6.32 -10.48 -50.97
CA LYS C 138 6.86 -9.17 -50.63
C LYS C 138 5.74 -8.30 -50.04
N VAL C 139 6.13 -7.44 -49.08
CA VAL C 139 5.26 -6.47 -48.41
C VAL C 139 5.76 -5.06 -48.76
N THR C 140 4.85 -4.21 -49.25
CA THR C 140 5.21 -2.85 -49.72
C THR C 140 4.59 -1.77 -48.83
N HIS C 141 3.46 -2.07 -48.17
CA HIS C 141 2.70 -1.07 -47.41
C HIS C 141 2.54 -1.52 -45.96
N ALA C 142 2.34 -0.54 -45.06
CA ALA C 142 2.21 -0.82 -43.63
C ALA C 142 1.43 0.31 -42.92
N VAL C 143 0.86 -0.05 -41.77
CA VAL C 143 0.35 0.89 -40.77
C VAL C 143 1.32 0.88 -39.59
N VAL C 144 1.92 2.03 -39.29
CA VAL C 144 2.90 2.16 -38.20
C VAL C 144 2.27 3.00 -37.08
N THR C 145 2.52 2.60 -35.84
CA THR C 145 2.00 3.31 -34.67
C THR C 145 3.10 4.21 -34.08
N VAL C 146 2.68 5.32 -33.47
CA VAL C 146 3.55 6.27 -32.76
C VAL C 146 2.85 6.71 -31.48
N PRO C 147 3.59 7.26 -30.48
CA PRO C 147 2.95 7.81 -29.28
C PRO C 147 2.03 8.99 -29.65
N ALA C 148 1.00 9.22 -28.83
CA ALA C 148 0.01 10.26 -29.08
C ALA C 148 0.66 11.65 -29.09
N TYR C 149 1.70 11.82 -28.26
CA TYR C 149 2.35 13.12 -28.04
C TYR C 149 3.31 13.48 -29.18
N PHE C 150 3.63 12.53 -30.06
CA PHE C 150 4.52 12.78 -31.22
C PHE C 150 3.99 13.96 -32.05
N ASN C 151 4.90 14.84 -32.46
CA ASN C 151 4.59 16.01 -33.30
C ASN C 151 4.72 15.62 -34.77
N ASP C 152 4.57 16.60 -35.66
CA ASP C 152 4.61 16.42 -37.12
C ASP C 152 5.98 15.87 -37.55
N ALA C 153 7.05 16.46 -37.02
CA ALA C 153 8.43 16.09 -37.36
C ALA C 153 8.69 14.63 -37.01
N GLN C 154 8.25 14.22 -35.80
CA GLN C 154 8.45 12.86 -35.29
C GLN C 154 7.60 11.87 -36.12
N ARG C 155 6.39 12.28 -36.49
CA ARG C 155 5.50 11.46 -37.32
C ARG C 155 6.13 11.26 -38.70
N GLN C 156 6.66 12.33 -39.29
CA GLN C 156 7.26 12.31 -40.64
C GLN C 156 8.54 11.47 -40.63
N ALA C 157 9.34 11.60 -39.57
CA ALA C 157 10.60 10.86 -39.41
C ALA C 157 10.29 9.35 -39.39
N THR C 158 9.21 8.96 -38.73
CA THR C 158 8.76 7.56 -38.66
C THR C 158 8.38 7.06 -40.06
N LYS C 159 7.72 7.93 -40.85
CA LYS C 159 7.39 7.63 -42.25
C LYS C 159 8.69 7.45 -43.06
N ASP C 160 9.65 8.34 -42.87
CA ASP C 160 10.95 8.31 -43.57
C ASP C 160 11.64 6.97 -43.29
N ALA C 161 11.64 6.54 -42.02
CA ALA C 161 12.23 5.26 -41.61
C ALA C 161 11.61 4.11 -42.41
N GLY C 162 10.27 4.15 -42.55
CA GLY C 162 9.53 3.20 -43.38
C GLY C 162 10.01 3.21 -44.82
N THR C 163 10.11 4.41 -45.41
CA THR C 163 10.53 4.59 -46.80
C THR C 163 11.87 3.89 -47.04
N ILE C 164 12.85 4.11 -46.15
CA ILE C 164 14.21 3.56 -46.27
C ILE C 164 14.15 2.03 -46.23
N ALA C 165 13.20 1.48 -45.46
CA ALA C 165 13.01 0.03 -45.32
C ALA C 165 12.19 -0.53 -46.50
N GLY C 166 11.71 0.35 -47.38
CA GLY C 166 10.92 -0.03 -48.56
C GLY C 166 9.46 -0.24 -48.22
N LEU C 167 8.97 0.51 -47.24
CA LEU C 167 7.58 0.45 -46.78
C LEU C 167 6.91 1.79 -47.05
N ASN C 168 5.76 1.76 -47.72
CA ASN C 168 4.88 2.91 -47.88
C ASN C 168 3.97 2.95 -46.65
N VAL C 169 4.33 3.79 -45.67
CA VAL C 169 3.57 3.94 -44.44
C VAL C 169 2.30 4.73 -44.75
N MET C 170 1.21 3.99 -45.02
CA MET C 170 -0.07 4.55 -45.47
C MET C 170 -0.66 5.49 -44.42
N ARG C 171 -0.72 5.00 -43.17
CA ARG C 171 -1.27 5.74 -42.04
C ARG C 171 -0.28 5.71 -40.88
N ILE C 172 -0.15 6.85 -40.20
CA ILE C 172 0.38 6.92 -38.84
C ILE C 172 -0.81 6.95 -37.89
N ILE C 173 -0.78 6.09 -36.88
CA ILE C 173 -1.88 5.93 -35.94
C ILE C 173 -1.31 5.92 -34.51
N ASN C 174 -2.02 6.57 -33.59
CA ASN C 174 -1.57 6.73 -32.22
C ASN C 174 -1.70 5.39 -31.49
N GLU C 175 -0.67 5.06 -30.69
CA GLU C 175 -0.54 3.78 -29.98
C GLU C 175 -1.80 3.49 -29.15
N PRO C 176 -2.28 4.43 -28.30
CA PRO C 176 -3.47 4.17 -27.49
C PRO C 176 -4.73 3.91 -28.34
N THR C 177 -4.85 4.60 -29.47
CA THR C 177 -5.97 4.43 -30.37
C THR C 177 -5.94 3.02 -30.96
N ALA C 178 -4.74 2.56 -31.35
CA ALA C 178 -4.55 1.22 -31.90
C ALA C 178 -4.99 0.17 -30.88
N ALA C 179 -4.58 0.37 -29.62
CA ALA C 179 -4.94 -0.54 -28.52
C ALA C 179 -6.46 -0.59 -28.35
N ALA C 180 -7.11 0.58 -28.45
CA ALA C 180 -8.56 0.69 -28.36
C ALA C 180 -9.21 -0.09 -29.51
N ILE C 181 -8.64 0.02 -30.71
CA ILE C 181 -9.17 -0.66 -31.90
C ILE C 181 -9.04 -2.18 -31.72
N ALA C 182 -7.94 -2.62 -31.10
CA ALA C 182 -7.69 -4.04 -30.86
C ALA C 182 -8.85 -4.67 -30.07
N TYR C 183 -9.38 -3.91 -29.10
CA TYR C 183 -10.42 -4.40 -28.20
C TYR C 183 -11.81 -4.10 -28.76
N GLY C 184 -11.88 -3.64 -30.01
CA GLY C 184 -13.12 -3.45 -30.74
C GLY C 184 -13.97 -2.34 -30.14
N LEU C 185 -13.33 -1.40 -29.44
CA LEU C 185 -14.02 -0.32 -28.73
C LEU C 185 -14.62 0.68 -29.72
N ASP C 186 -14.18 0.63 -30.99
CA ASP C 186 -14.71 1.46 -32.06
C ASP C 186 -16.09 0.96 -32.53
N LYS C 187 -16.47 -0.26 -32.12
CA LYS C 187 -17.78 -0.85 -32.43
C LYS C 187 -18.81 -0.49 -31.36
N ARG C 188 -18.35 0.06 -30.23
CA ARG C 188 -19.22 0.52 -29.14
C ARG C 188 -20.07 1.70 -29.64
N GLU C 189 -21.29 1.81 -29.07
CA GLU C 189 -22.29 2.79 -29.49
C GLU C 189 -22.15 4.07 -28.66
N GLY C 190 -22.51 5.20 -29.27
CA GLY C 190 -22.62 6.49 -28.59
C GLY C 190 -21.27 7.05 -28.18
N GLU C 191 -21.28 7.81 -27.08
CA GLU C 191 -20.11 8.50 -26.55
C GLU C 191 -19.63 7.80 -25.27
N LYS C 192 -18.36 7.41 -25.26
CA LYS C 192 -17.72 6.75 -24.12
C LYS C 192 -16.33 7.37 -23.88
N ASN C 193 -15.85 7.27 -22.64
CA ASN C 193 -14.51 7.72 -22.26
C ASN C 193 -13.65 6.48 -22.00
N ILE C 194 -12.42 6.50 -22.52
CA ILE C 194 -11.51 5.36 -22.50
C ILE C 194 -10.17 5.80 -21.90
N LEU C 195 -9.71 5.07 -20.87
CA LEU C 195 -8.42 5.30 -20.24
C LEU C 195 -7.46 4.20 -20.71
N VAL C 196 -6.39 4.60 -21.41
CA VAL C 196 -5.34 3.69 -21.85
C VAL C 196 -4.12 3.86 -20.93
N PHE C 197 -3.65 2.74 -20.38
CA PHE C 197 -2.60 2.69 -19.38
C PHE C 197 -1.47 1.82 -19.95
N ASP C 198 -0.43 2.46 -20.50
CA ASP C 198 0.58 1.80 -21.33
C ASP C 198 1.92 1.83 -20.59
N LEU C 199 2.29 0.69 -20.02
CA LEU C 199 3.53 0.54 -19.26
C LEU C 199 4.46 -0.44 -20.00
N GLY C 200 5.36 0.14 -20.80
CA GLY C 200 6.29 -0.60 -21.64
C GLY C 200 7.57 -0.93 -20.89
N GLY C 201 8.63 -1.21 -21.66
CA GLY C 201 9.93 -1.60 -21.12
C GLY C 201 10.66 -0.43 -20.48
N GLY C 202 10.55 0.76 -21.10
CA GLY C 202 11.25 1.95 -20.62
C GLY C 202 10.41 3.22 -20.63
N THR C 203 9.10 3.11 -20.92
CA THR C 203 8.21 4.26 -21.03
C THR C 203 6.83 3.92 -20.44
N PHE C 204 6.20 4.94 -19.87
CA PHE C 204 4.85 4.86 -19.29
C PHE C 204 4.00 6.00 -19.87
N ASP C 205 2.87 5.63 -20.49
CA ASP C 205 1.97 6.56 -21.14
C ASP C 205 0.54 6.30 -20.69
N VAL C 206 -0.12 7.36 -20.21
CA VAL C 206 -1.54 7.37 -19.92
C VAL C 206 -2.21 8.30 -20.94
N SER C 207 -3.32 7.83 -21.52
CA SER C 207 -4.08 8.60 -22.49
C SER C 207 -5.58 8.49 -22.17
N LEU C 208 -6.26 9.65 -22.18
CA LEU C 208 -7.71 9.71 -22.13
C LEU C 208 -8.23 9.91 -23.56
N LEU C 209 -8.92 8.90 -24.08
CA LEU C 209 -9.58 8.98 -25.38
C LEU C 209 -11.09 9.10 -25.17
N THR C 210 -11.74 9.87 -26.04
CA THR C 210 -13.17 9.73 -26.27
C THR C 210 -13.36 8.82 -27.49
N ILE C 211 -14.56 8.24 -27.59
CA ILE C 211 -15.05 7.61 -28.80
C ILE C 211 -16.44 8.21 -29.07
N ASP C 212 -16.69 8.53 -30.35
CA ASP C 212 -17.94 9.17 -30.78
C ASP C 212 -18.25 8.69 -32.20
N ASN C 213 -19.31 7.89 -32.33
CA ASN C 213 -19.80 7.42 -33.63
C ASN C 213 -18.69 6.63 -34.34
N GLY C 214 -17.95 5.82 -33.57
CA GLY C 214 -16.92 4.93 -34.09
C GLY C 214 -15.63 5.65 -34.45
N VAL C 215 -15.41 6.83 -33.87
CA VAL C 215 -14.23 7.67 -34.16
C VAL C 215 -13.66 8.18 -32.83
N PHE C 216 -12.33 8.07 -32.69
CA PHE C 216 -11.63 8.40 -31.45
C PHE C 216 -11.12 9.85 -31.48
N GLU C 217 -10.73 10.34 -30.30
CA GLU C 217 -10.01 11.59 -30.13
C GLU C 217 -9.20 11.51 -28.84
N VAL C 218 -7.92 11.88 -28.93
CA VAL C 218 -7.02 11.93 -27.79
C VAL C 218 -7.23 13.29 -27.11
N VAL C 219 -7.77 13.26 -25.88
CA VAL C 219 -8.16 14.47 -25.16
C VAL C 219 -6.96 15.00 -24.37
N ALA C 220 -6.29 14.11 -23.64
CA ALA C 220 -5.12 14.47 -22.84
C ALA C 220 -4.19 13.26 -22.68
N THR C 221 -2.91 13.54 -22.45
CA THR C 221 -1.87 12.54 -22.27
C THR C 221 -0.98 12.93 -21.09
N ASN C 222 -0.37 11.92 -20.48
CA ASN C 222 0.58 12.10 -19.39
C ASN C 222 1.35 10.79 -19.22
N GLY C 223 2.20 10.73 -18.20
CA GLY C 223 2.95 9.54 -17.85
C GLY C 223 4.36 9.88 -17.40
N ASP C 224 5.28 8.93 -17.63
CA ASP C 224 6.69 9.08 -17.31
C ASP C 224 7.49 8.42 -18.43
N THR C 225 8.43 9.18 -19.00
CA THR C 225 9.16 8.80 -20.20
C THR C 225 10.35 7.89 -19.86
N HIS C 226 10.70 7.80 -18.57
CA HIS C 226 11.82 6.96 -18.12
C HIS C 226 11.38 5.99 -17.02
N LEU C 227 10.13 5.52 -17.09
CA LEU C 227 9.60 4.50 -16.17
C LEU C 227 9.04 3.33 -16.99
N GLY C 228 9.52 2.11 -16.72
CA GLY C 228 9.07 0.91 -17.42
C GLY C 228 9.59 -0.35 -16.76
N GLY C 229 9.34 -1.49 -17.43
CA GLY C 229 9.62 -2.83 -16.92
C GLY C 229 11.09 -3.03 -16.55
N GLU C 230 11.98 -2.35 -17.27
CA GLU C 230 13.42 -2.50 -17.08
C GLU C 230 13.85 -1.87 -15.75
N ASP C 231 13.15 -0.83 -15.31
CA ASP C 231 13.42 -0.17 -14.03
C ASP C 231 13.05 -1.12 -12.87
N PHE C 232 12.03 -1.97 -13.08
CA PHE C 232 11.63 -2.97 -12.08
C PHE C 232 12.69 -4.06 -11.99
N ASP C 233 13.28 -4.43 -13.15
CA ASP C 233 14.38 -5.39 -13.21
C ASP C 233 15.59 -4.84 -12.43
N GLN C 234 15.87 -3.54 -12.60
CA GLN C 234 17.07 -2.90 -12.07
C GLN C 234 17.04 -2.91 -10.54
N ARG C 235 15.85 -2.74 -9.95
CA ARG C 235 15.67 -2.77 -8.50
C ARG C 235 15.93 -4.20 -7.97
N VAL C 236 15.54 -5.21 -8.76
CA VAL C 236 15.75 -6.61 -8.43
C VAL C 236 17.25 -6.92 -8.55
N MET C 237 17.89 -6.42 -9.61
CA MET C 237 19.32 -6.57 -9.83
C MET C 237 20.11 -5.99 -8.64
N GLU C 238 19.78 -4.75 -8.27
CA GLU C 238 20.43 -4.03 -7.17
C GLU C 238 20.30 -4.84 -5.87
N HIS C 239 19.12 -5.44 -5.65
CA HIS C 239 18.84 -6.22 -4.45
C HIS C 239 19.76 -7.44 -4.37
N PHE C 240 19.83 -8.22 -5.46
CA PHE C 240 20.49 -9.53 -5.46
C PHE C 240 22.02 -9.37 -5.52
N ILE C 241 22.51 -8.30 -6.17
CA ILE C 241 23.94 -7.98 -6.21
C ILE C 241 24.42 -7.64 -4.79
N LYS C 242 23.63 -6.83 -4.07
CA LYS C 242 23.92 -6.43 -2.69
C LYS C 242 23.90 -7.68 -1.79
N LEU C 243 22.97 -8.60 -2.04
CA LEU C 243 22.82 -9.82 -1.26
C LEU C 243 24.03 -10.74 -1.47
N TYR C 244 24.55 -10.77 -2.70
CA TYR C 244 25.68 -11.63 -3.05
C TYR C 244 26.95 -11.14 -2.35
N LYS C 245 27.17 -9.83 -2.33
CA LYS C 245 28.33 -9.24 -1.65
C LYS C 245 28.25 -9.48 -0.14
N LYS C 246 27.03 -9.45 0.40
CA LYS C 246 26.80 -9.57 1.84
C LYS C 246 27.09 -11.01 2.31
N LYS C 247 26.89 -11.99 1.42
CA LYS C 247 27.00 -13.41 1.78
C LYS C 247 28.40 -13.95 1.46
N THR C 248 28.89 -13.69 0.25
CA THR C 248 30.20 -14.19 -0.21
C THR C 248 31.32 -13.21 0.17
N GLY C 249 31.06 -11.91 -0.06
CA GLY C 249 32.06 -10.86 0.09
C GLY C 249 32.57 -10.35 -1.25
N LYS C 250 31.90 -10.75 -2.33
CA LYS C 250 32.33 -10.49 -3.71
C LYS C 250 31.45 -9.41 -4.34
N ASP C 251 32.08 -8.39 -4.94
CA ASP C 251 31.41 -7.40 -5.76
C ASP C 251 31.44 -7.87 -7.22
N VAL C 252 30.25 -8.03 -7.81
CA VAL C 252 30.07 -8.65 -9.12
C VAL C 252 29.95 -7.59 -10.21
N ARG C 253 29.85 -6.32 -9.81
CA ARG C 253 29.46 -5.21 -10.70
C ARG C 253 30.36 -5.10 -11.93
N LYS C 254 31.67 -5.29 -11.73
CA LYS C 254 32.68 -5.01 -12.78
C LYS C 254 32.87 -6.23 -13.70
N ASP C 255 32.12 -7.31 -13.47
CA ASP C 255 32.08 -8.48 -14.36
C ASP C 255 30.79 -8.41 -15.20
N ASN C 256 30.91 -7.89 -16.42
CA ASN C 256 29.78 -7.62 -17.31
C ASN C 256 29.07 -8.91 -17.70
N ARG C 257 29.85 -9.99 -17.88
CA ARG C 257 29.32 -11.29 -18.33
C ARG C 257 28.35 -11.86 -17.28
N ALA C 258 28.80 -11.92 -16.03
CA ALA C 258 28.04 -12.50 -14.92
C ALA C 258 26.75 -11.71 -14.67
N VAL C 259 26.82 -10.38 -14.81
CA VAL C 259 25.69 -9.48 -14.56
C VAL C 259 24.58 -9.74 -15.60
N GLN C 260 24.97 -10.08 -16.84
CA GLN C 260 24.00 -10.37 -17.91
C GLN C 260 23.31 -11.71 -17.62
N LYS C 261 24.05 -12.68 -17.09
CA LYS C 261 23.52 -13.99 -16.72
C LYS C 261 22.41 -13.84 -15.66
N LEU C 262 22.57 -12.85 -14.77
CA LEU C 262 21.62 -12.57 -13.69
C LEU C 262 20.38 -11.87 -14.27
N ARG C 263 20.59 -10.87 -15.14
CA ARG C 263 19.50 -10.09 -15.76
C ARG C 263 18.56 -11.00 -16.56
N ARG C 264 19.11 -12.05 -17.16
CA ARG C 264 18.35 -13.04 -17.95
C ARG C 264 17.36 -13.77 -17.03
N GLU C 265 17.85 -14.22 -15.87
CA GLU C 265 17.05 -15.01 -14.92
C GLU C 265 16.07 -14.09 -14.18
N VAL C 266 16.47 -12.84 -13.92
CA VAL C 266 15.61 -11.85 -13.24
C VAL C 266 14.39 -11.55 -14.13
N GLU C 267 14.62 -11.41 -15.44
CA GLU C 267 13.57 -11.14 -16.41
C GLU C 267 12.59 -12.32 -16.48
N LYS C 268 13.12 -13.54 -16.43
CA LYS C 268 12.32 -14.77 -16.47
C LYS C 268 11.48 -14.89 -15.19
N ALA C 269 12.11 -14.60 -14.05
CA ALA C 269 11.48 -14.70 -12.74
C ALA C 269 10.36 -13.65 -12.59
N LYS C 270 10.60 -12.44 -13.09
CA LYS C 270 9.62 -11.36 -13.06
C LYS C 270 8.33 -11.81 -13.77
N ARG C 271 8.49 -12.42 -14.96
CA ARG C 271 7.38 -12.89 -15.78
C ARG C 271 6.63 -14.02 -15.04
N ALA C 272 7.39 -14.92 -14.42
CA ALA C 272 6.84 -16.06 -13.67
C ALA C 272 6.00 -15.57 -12.48
N LEU C 273 6.40 -14.44 -11.87
CA LEU C 273 5.76 -13.92 -10.65
C LEU C 273 4.43 -13.24 -10.97
N SER C 274 4.10 -13.08 -12.26
CA SER C 274 2.78 -12.60 -12.69
C SER C 274 1.70 -13.67 -12.47
N SER C 275 2.10 -14.94 -12.36
CA SER C 275 1.18 -16.07 -12.21
C SER C 275 1.54 -16.97 -11.01
N GLN C 276 2.77 -16.86 -10.48
CA GLN C 276 3.22 -17.61 -9.30
C GLN C 276 3.60 -16.64 -8.18
N HIS C 277 3.87 -17.19 -6.99
CA HIS C 277 4.17 -16.40 -5.79
C HIS C 277 5.67 -16.46 -5.42
N GLN C 278 6.44 -17.33 -6.08
CA GLN C 278 7.89 -17.40 -5.89
C GLN C 278 8.53 -18.00 -7.14
N ALA C 279 9.82 -17.68 -7.33
CA ALA C 279 10.61 -18.13 -8.47
C ALA C 279 12.08 -18.28 -8.05
N ARG C 280 12.59 -19.51 -8.15
CA ARG C 280 14.00 -19.80 -7.87
C ARG C 280 14.86 -19.25 -9.02
N ILE C 281 16.00 -18.64 -8.68
CA ILE C 281 16.98 -18.18 -9.65
C ILE C 281 18.31 -18.88 -9.35
N GLU C 282 18.64 -19.90 -10.16
CA GLU C 282 19.85 -20.69 -10.01
C GLU C 282 20.76 -20.47 -11.23
N ILE C 283 22.02 -20.09 -10.95
CA ILE C 283 23.06 -19.92 -11.98
C ILE C 283 24.33 -20.63 -11.50
N GLU C 284 24.66 -21.76 -12.13
CA GLU C 284 25.90 -22.50 -11.83
C GLU C 284 27.06 -21.79 -12.55
N SER C 285 28.23 -21.78 -11.90
CA SER C 285 29.43 -21.06 -12.36
C SER C 285 29.08 -19.61 -12.71
N PHE C 286 28.58 -18.88 -11.70
CA PHE C 286 28.04 -17.53 -11.86
C PHE C 286 29.19 -16.51 -11.88
N PHE C 287 30.13 -16.64 -10.94
CA PHE C 287 31.24 -15.69 -10.79
C PHE C 287 32.39 -16.33 -10.02
N GLU C 288 33.56 -16.44 -10.68
CA GLU C 288 34.77 -17.07 -10.14
C GLU C 288 34.46 -18.53 -9.78
N GLY C 289 33.72 -19.22 -10.66
CA GLY C 289 33.32 -20.62 -10.49
C GLY C 289 32.60 -20.86 -9.17
N GLU C 290 31.72 -19.92 -8.79
CA GLU C 290 30.90 -20.00 -7.59
C GLU C 290 29.43 -19.79 -7.99
N ASP C 291 28.53 -20.60 -7.40
CA ASP C 291 27.14 -20.69 -7.84
C ASP C 291 26.30 -19.60 -7.15
N PHE C 292 25.17 -19.28 -7.79
CA PHE C 292 24.16 -18.34 -7.28
C PHE C 292 22.84 -19.12 -7.09
N SER C 293 22.30 -19.07 -5.87
CA SER C 293 21.03 -19.72 -5.55
C SER C 293 20.24 -18.85 -4.56
N GLU C 294 19.28 -18.09 -5.09
CA GLU C 294 18.35 -17.28 -4.31
C GLU C 294 16.93 -17.46 -4.88
N THR C 295 15.95 -16.95 -4.13
CA THR C 295 14.55 -16.97 -4.53
C THR C 295 14.02 -15.54 -4.54
N LEU C 296 13.17 -15.22 -5.53
CA LEU C 296 12.44 -13.96 -5.58
C LEU C 296 10.95 -14.25 -5.39
N THR C 297 10.40 -13.70 -4.30
CA THR C 297 8.96 -13.80 -4.02
C THR C 297 8.25 -12.63 -4.69
N ARG C 298 6.96 -12.82 -4.96
CA ARG C 298 6.09 -11.77 -5.48
C ARG C 298 6.07 -10.61 -4.47
N ALA C 299 6.02 -10.94 -3.17
CA ALA C 299 5.95 -9.95 -2.11
C ALA C 299 7.20 -9.08 -2.12
N LYS C 300 8.38 -9.71 -2.28
CA LYS C 300 9.66 -9.01 -2.30
C LYS C 300 9.75 -8.14 -3.55
N PHE C 301 9.42 -8.73 -4.71
CA PHE C 301 9.43 -8.01 -5.98
C PHE C 301 8.57 -6.74 -5.85
N GLU C 302 7.38 -6.88 -5.25
CA GLU C 302 6.46 -5.76 -5.01
C GLU C 302 7.11 -4.74 -4.08
N GLU C 303 7.71 -5.23 -2.98
CA GLU C 303 8.32 -4.39 -1.95
C GLU C 303 9.43 -3.52 -2.57
N LEU C 304 10.23 -4.11 -3.46
CA LEU C 304 11.39 -3.44 -4.05
C LEU C 304 10.96 -2.35 -5.04
N ASN C 305 9.71 -2.43 -5.54
CA ASN C 305 9.24 -1.58 -6.63
C ASN C 305 7.97 -0.81 -6.25
N MET C 306 7.61 -0.81 -4.96
CA MET C 306 6.30 -0.31 -4.52
C MET C 306 6.16 1.17 -4.84
N ASP C 307 7.22 1.95 -4.61
CA ASP C 307 7.20 3.40 -4.84
C ASP C 307 6.98 3.69 -6.34
N LEU C 308 7.64 2.90 -7.20
CA LEU C 308 7.54 3.07 -8.65
C LEU C 308 6.12 2.72 -9.09
N PHE C 309 5.57 1.62 -8.55
CA PHE C 309 4.21 1.16 -8.89
C PHE C 309 3.16 2.23 -8.53
N ARG C 310 3.28 2.84 -7.34
CA ARG C 310 2.31 3.83 -6.86
C ARG C 310 2.39 5.12 -7.68
N SER C 311 3.59 5.43 -8.19
CA SER C 311 3.85 6.67 -8.94
C SER C 311 3.07 6.69 -10.26
N THR C 312 2.61 5.52 -10.73
CA THR C 312 1.86 5.40 -11.99
C THR C 312 0.47 6.02 -11.86
N MET C 313 -0.04 6.15 -10.64
CA MET C 313 -1.41 6.62 -10.38
C MET C 313 -1.52 8.14 -10.54
N LYS C 314 -0.43 8.87 -10.25
CA LYS C 314 -0.45 10.34 -10.29
C LYS C 314 -0.75 10.82 -11.71
N PRO C 315 -0.06 10.33 -12.77
CA PRO C 315 -0.43 10.64 -14.15
C PRO C 315 -1.88 10.31 -14.52
N VAL C 316 -2.42 9.20 -13.99
CA VAL C 316 -3.80 8.79 -14.26
C VAL C 316 -4.76 9.86 -13.72
N GLN C 317 -4.45 10.38 -12.53
CA GLN C 317 -5.27 11.40 -11.87
C GLN C 317 -5.15 12.73 -12.61
N LYS C 318 -3.96 13.00 -13.17
CA LYS C 318 -3.65 14.27 -13.84
C LYS C 318 -4.39 14.36 -15.18
N VAL C 319 -4.41 13.26 -15.95
CA VAL C 319 -5.10 13.23 -17.25
C VAL C 319 -6.60 13.40 -17.05
N LEU C 320 -7.15 12.85 -15.96
CA LEU C 320 -8.57 13.01 -15.62
C LEU C 320 -8.90 14.48 -15.33
N GLU C 321 -7.96 15.17 -14.66
CA GLU C 321 -8.10 16.59 -14.33
C GLU C 321 -8.07 17.43 -15.60
N ASP C 322 -7.13 17.14 -16.51
CA ASP C 322 -6.93 17.89 -17.75
C ASP C 322 -8.08 17.61 -18.73
N SER C 323 -8.73 16.44 -18.59
CA SER C 323 -9.90 16.04 -19.38
C SER C 323 -11.19 16.56 -18.73
N ASP C 324 -11.10 17.04 -17.50
CA ASP C 324 -12.23 17.56 -16.71
C ASP C 324 -13.24 16.43 -16.47
N LEU C 325 -12.73 15.27 -16.04
CA LEU C 325 -13.52 14.06 -15.81
C LEU C 325 -13.28 13.55 -14.38
N LYS C 326 -14.27 12.81 -13.87
CA LYS C 326 -14.18 12.09 -12.60
C LYS C 326 -13.88 10.62 -12.89
N LYS C 327 -13.49 9.87 -11.84
CA LYS C 327 -13.17 8.45 -11.93
C LYS C 327 -14.34 7.66 -12.54
N SER C 328 -15.56 8.04 -12.16
CA SER C 328 -16.79 7.30 -12.50
C SER C 328 -17.21 7.55 -13.95
N ASP C 329 -16.59 8.51 -14.63
CA ASP C 329 -16.92 8.88 -16.00
C ASP C 329 -16.17 7.99 -17.01
N ILE C 330 -15.27 7.12 -16.53
CA ILE C 330 -14.49 6.21 -17.37
C ILE C 330 -15.30 4.93 -17.60
N ASP C 331 -15.52 4.61 -18.89
CA ASP C 331 -16.38 3.50 -19.32
C ASP C 331 -15.52 2.27 -19.67
N GLU C 332 -14.30 2.49 -20.16
CA GLU C 332 -13.41 1.41 -20.58
C GLU C 332 -11.99 1.71 -20.09
N ILE C 333 -11.30 0.65 -19.64
CA ILE C 333 -9.91 0.70 -19.20
C ILE C 333 -9.14 -0.35 -20.01
N VAL C 334 -8.10 0.10 -20.71
CA VAL C 334 -7.27 -0.75 -21.54
C VAL C 334 -5.84 -0.74 -20.98
N LEU C 335 -5.34 -1.93 -20.63
CA LEU C 335 -3.99 -2.12 -20.16
C LEU C 335 -3.12 -2.63 -21.31
N VAL C 336 -2.00 -1.94 -21.53
CA VAL C 336 -1.09 -2.19 -22.63
C VAL C 336 0.33 -2.26 -22.06
N GLY C 337 1.15 -3.13 -22.67
CA GLY C 337 2.52 -3.36 -22.23
C GLY C 337 2.62 -4.50 -21.23
N GLY C 338 3.74 -5.24 -21.32
CA GLY C 338 3.95 -6.48 -20.57
C GLY C 338 3.91 -6.28 -19.06
N SER C 339 4.30 -5.08 -18.61
CA SER C 339 4.38 -4.74 -17.20
C SER C 339 2.99 -4.68 -16.54
N THR C 340 1.93 -4.54 -17.34
CA THR C 340 0.55 -4.49 -16.83
C THR C 340 0.06 -5.88 -16.42
N ARG C 341 0.83 -6.93 -16.72
CA ARG C 341 0.54 -8.30 -16.26
C ARG C 341 0.79 -8.43 -14.76
N ILE C 342 1.63 -7.54 -14.21
CA ILE C 342 2.00 -7.56 -12.79
C ILE C 342 0.73 -7.39 -11.96
N PRO C 343 0.37 -8.37 -11.10
CA PRO C 343 -0.82 -8.26 -10.25
C PRO C 343 -0.97 -6.95 -9.47
N LYS C 344 0.12 -6.43 -8.91
CA LYS C 344 0.08 -5.23 -8.06
C LYS C 344 -0.34 -4.00 -8.89
N ILE C 345 0.13 -3.93 -10.14
CA ILE C 345 -0.23 -2.84 -11.06
C ILE C 345 -1.74 -2.88 -11.31
N GLN C 346 -2.26 -4.08 -11.57
CA GLN C 346 -3.68 -4.27 -11.91
C GLN C 346 -4.57 -3.87 -10.72
N GLN C 347 -4.17 -4.31 -9.51
CA GLN C 347 -4.89 -4.02 -8.26
C GLN C 347 -4.97 -2.49 -8.05
N LEU C 348 -3.84 -1.80 -8.26
CA LEU C 348 -3.75 -0.35 -8.03
C LEU C 348 -4.68 0.40 -8.99
N VAL C 349 -4.72 -0.04 -10.26
CA VAL C 349 -5.59 0.53 -11.28
C VAL C 349 -7.05 0.23 -10.90
N LYS C 350 -7.32 -1.05 -10.60
CA LYS C 350 -8.68 -1.51 -10.26
C LYS C 350 -9.21 -0.69 -9.08
N GLU C 351 -8.39 -0.52 -8.04
CA GLU C 351 -8.80 0.15 -6.79
C GLU C 351 -9.02 1.66 -7.02
N PHE C 352 -8.18 2.28 -7.86
CA PHE C 352 -8.30 3.70 -8.19
C PHE C 352 -9.67 3.98 -8.84
N PHE C 353 -10.16 3.02 -9.64
CA PHE C 353 -11.44 3.14 -10.34
C PHE C 353 -12.54 2.35 -9.62
N ASN C 354 -12.42 2.26 -8.29
CA ASN C 354 -13.47 1.73 -7.39
C ASN C 354 -13.99 0.37 -7.91
N GLY C 355 -13.05 -0.53 -8.23
CA GLY C 355 -13.33 -1.95 -8.46
C GLY C 355 -13.69 -2.28 -9.90
N LYS C 356 -13.47 -1.35 -10.84
CA LYS C 356 -13.84 -1.56 -12.25
C LYS C 356 -12.81 -2.48 -12.94
N GLU C 357 -13.32 -3.43 -13.71
CA GLU C 357 -12.53 -4.44 -14.41
C GLU C 357 -11.90 -3.83 -15.66
N PRO C 358 -10.57 -4.01 -15.88
CA PRO C 358 -9.95 -3.70 -17.17
C PRO C 358 -10.42 -4.66 -18.28
N SER C 359 -10.21 -4.25 -19.54
CA SER C 359 -10.40 -5.12 -20.69
C SER C 359 -9.38 -6.25 -20.66
N ARG C 360 -9.80 -7.45 -21.11
CA ARG C 360 -8.96 -8.63 -21.14
C ARG C 360 -9.25 -9.42 -22.42
N GLY C 361 -8.28 -10.24 -22.83
CA GLY C 361 -8.43 -11.10 -24.01
C GLY C 361 -7.22 -11.06 -24.94
N ILE C 362 -6.50 -9.92 -24.94
CA ILE C 362 -5.39 -9.70 -25.86
C ILE C 362 -4.08 -9.62 -25.06
N ASN C 363 -3.02 -10.22 -25.61
CA ASN C 363 -1.67 -10.12 -25.10
C ASN C 363 -1.27 -8.64 -25.08
N PRO C 364 -1.04 -8.03 -23.90
CA PRO C 364 -0.79 -6.59 -23.81
C PRO C 364 0.52 -6.11 -24.48
N ASP C 365 1.45 -7.04 -24.75
CA ASP C 365 2.64 -6.75 -25.53
C ASP C 365 2.28 -6.52 -27.00
N GLU C 366 1.17 -7.14 -27.44
CA GLU C 366 0.81 -7.28 -28.85
C GLU C 366 -0.40 -6.40 -29.22
N ALA C 367 -1.11 -5.87 -28.21
CA ALA C 367 -2.38 -5.18 -28.40
C ALA C 367 -2.28 -4.05 -29.45
N VAL C 368 -1.16 -3.32 -29.45
CA VAL C 368 -0.98 -2.14 -30.32
C VAL C 368 -0.77 -2.60 -31.77
N ALA C 369 0.06 -3.62 -31.97
CA ALA C 369 0.28 -4.23 -33.27
C ALA C 369 -1.04 -4.80 -33.81
N TYR C 370 -1.78 -5.46 -32.91
CA TYR C 370 -3.09 -6.05 -33.20
C TYR C 370 -3.99 -5.01 -33.86
N GLY C 371 -4.11 -3.85 -33.20
CA GLY C 371 -4.95 -2.74 -33.66
C GLY C 371 -4.50 -2.20 -35.00
N ALA C 372 -3.18 -2.06 -35.16
CA ALA C 372 -2.59 -1.60 -36.40
C ALA C 372 -2.92 -2.60 -37.54
N ALA C 373 -2.89 -3.89 -37.22
CA ALA C 373 -3.16 -4.96 -38.18
C ALA C 373 -4.63 -4.91 -38.65
N VAL C 374 -5.54 -4.53 -37.74
CA VAL C 374 -6.97 -4.39 -38.08
C VAL C 374 -7.15 -3.24 -39.08
N GLN C 375 -6.46 -2.12 -38.84
CA GLN C 375 -6.49 -0.96 -39.73
C GLN C 375 -5.87 -1.33 -41.08
N ALA C 376 -4.81 -2.15 -41.04
CA ALA C 376 -4.16 -2.67 -42.23
C ALA C 376 -5.14 -3.58 -42.99
N GLY C 377 -5.87 -4.41 -42.25
CA GLY C 377 -6.91 -5.28 -42.79
C GLY C 377 -7.94 -4.52 -43.60
N VAL C 378 -8.32 -3.33 -43.13
CA VAL C 378 -9.31 -2.46 -43.79
C VAL C 378 -8.73 -1.92 -45.10
N LEU C 379 -7.42 -1.63 -45.12
CA LEU C 379 -6.76 -0.97 -46.24
C LEU C 379 -6.16 -2.00 -47.22
N SER C 380 -6.18 -3.28 -46.84
CA SER C 380 -5.59 -4.37 -47.64
C SER C 380 -6.34 -4.52 -48.97
N GLY C 381 -5.60 -4.92 -50.02
CA GLY C 381 -6.14 -5.14 -51.36
C GLY C 381 -5.72 -4.03 -52.32
N LEU D 1 -27.69 11.74 -15.96
CA LEU D 1 -27.26 11.88 -17.38
C LEU D 1 -25.98 12.72 -17.46
N ARG D 2 -25.15 12.41 -18.46
CA ARG D 2 -23.97 13.20 -18.80
C ARG D 2 -24.41 14.46 -19.53
N PRO D 3 -23.61 15.56 -19.52
CA PRO D 3 -23.96 16.79 -20.21
C PRO D 3 -24.16 16.61 -21.72
N GLY D 4 -25.37 16.99 -22.20
CA GLY D 4 -25.70 16.99 -23.62
C GLY D 4 -26.35 15.70 -24.10
N ASP D 5 -26.52 14.73 -23.19
CA ASP D 5 -27.17 13.45 -23.52
C ASP D 5 -28.69 13.66 -23.57
N CYS D 6 -29.35 12.96 -24.50
CA CYS D 6 -30.80 13.03 -24.73
C CYS D 6 -31.23 14.45 -25.08
N GLU D 7 -30.41 15.15 -25.87
CA GLU D 7 -30.56 16.60 -26.13
C GLU D 7 -31.94 16.88 -26.74
N VAL D 8 -32.22 16.22 -27.87
CA VAL D 8 -33.44 16.43 -28.64
C VAL D 8 -34.65 15.91 -27.85
N CYS D 9 -34.46 14.77 -27.17
CA CYS D 9 -35.51 14.16 -26.36
C CYS D 9 -35.97 15.14 -25.27
N ILE D 10 -35.01 15.71 -24.53
CA ILE D 10 -35.29 16.59 -23.39
C ILE D 10 -35.89 17.91 -23.89
N SER D 11 -35.29 18.46 -24.96
CA SER D 11 -35.74 19.71 -25.55
C SER D 11 -37.21 19.60 -25.99
N TYR D 12 -37.53 18.53 -26.73
CA TYR D 12 -38.82 18.38 -27.39
C TYR D 12 -39.93 18.04 -26.38
N LEU D 13 -39.71 17.00 -25.57
CA LEU D 13 -40.69 16.57 -24.59
C LEU D 13 -40.84 17.63 -23.49
N GLY D 14 -39.78 18.41 -23.26
CA GLY D 14 -39.80 19.56 -22.37
C GLY D 14 -40.77 20.63 -22.85
N ARG D 15 -40.65 20.98 -24.15
CA ARG D 15 -41.54 21.96 -24.78
C ARG D 15 -42.98 21.44 -24.79
N PHE D 16 -43.14 20.13 -25.03
CA PHE D 16 -44.44 19.45 -25.02
C PHE D 16 -45.08 19.59 -23.63
N TYR D 17 -44.32 19.23 -22.58
CA TYR D 17 -44.79 19.28 -21.20
C TYR D 17 -45.28 20.69 -20.86
N GLN D 18 -44.47 21.70 -21.18
CA GLN D 18 -44.77 23.09 -20.83
C GLN D 18 -46.02 23.57 -21.58
N ASP D 19 -46.23 23.04 -22.79
CA ASP D 19 -47.38 23.39 -23.63
C ASP D 19 -48.67 22.83 -22.99
N LEU D 20 -48.62 21.58 -22.50
CA LEU D 20 -49.75 20.95 -21.82
C LEU D 20 -50.16 21.77 -20.60
N LYS D 21 -49.17 22.30 -19.87
CA LYS D 21 -49.40 23.08 -18.65
C LYS D 21 -50.02 24.44 -19.00
N ASP D 22 -49.52 25.06 -20.06
CA ASP D 22 -49.96 26.39 -20.49
C ASP D 22 -51.41 26.35 -20.97
N ARG D 23 -51.83 25.23 -21.59
CA ARG D 23 -53.17 25.08 -22.16
C ARG D 23 -54.14 24.40 -21.18
N ASP D 24 -53.68 24.10 -19.96
CA ASP D 24 -54.49 23.52 -18.87
C ASP D 24 -55.08 22.16 -19.30
N VAL D 25 -54.27 21.34 -19.96
CA VAL D 25 -54.70 20.01 -20.40
C VAL D 25 -54.73 19.08 -19.18
N THR D 26 -55.73 18.18 -19.14
CA THR D 26 -55.86 17.18 -18.08
C THR D 26 -54.77 16.12 -18.26
N PHE D 27 -53.98 15.90 -17.20
CA PHE D 27 -52.84 14.98 -17.24
C PHE D 27 -53.32 13.55 -16.96
N SER D 28 -53.84 12.91 -18.01
CA SER D 28 -54.20 11.50 -18.00
C SER D 28 -53.52 10.81 -19.17
N PRO D 29 -53.04 9.56 -19.02
CA PRO D 29 -52.29 8.88 -20.08
C PRO D 29 -52.95 8.93 -21.47
N ALA D 30 -54.27 8.74 -21.50
CA ALA D 30 -55.06 8.74 -22.74
C ALA D 30 -54.90 10.09 -23.47
N THR D 31 -55.18 11.18 -22.74
CA THR D 31 -55.15 12.54 -23.27
C THR D 31 -53.74 12.88 -23.77
N ILE D 32 -52.73 12.52 -22.98
CA ILE D 32 -51.34 12.91 -23.22
C ILE D 32 -50.83 12.22 -24.50
N GLU D 33 -51.16 10.93 -24.67
CA GLU D 33 -50.82 10.18 -25.90
C GLU D 33 -51.40 10.90 -27.12
N GLU D 34 -52.70 11.23 -27.04
CA GLU D 34 -53.45 11.88 -28.11
C GLU D 34 -52.79 13.22 -28.47
N GLU D 35 -52.45 14.01 -27.44
CA GLU D 35 -51.87 15.35 -27.61
C GLU D 35 -50.46 15.24 -28.19
N LEU D 36 -49.73 14.17 -27.82
CA LEU D 36 -48.36 13.96 -28.28
C LEU D 36 -48.33 13.64 -29.78
N ILE D 37 -49.36 12.90 -30.25
CA ILE D 37 -49.47 12.54 -31.67
C ILE D 37 -49.81 13.80 -32.49
N LYS D 38 -50.69 14.66 -31.94
CA LYS D 38 -51.04 15.94 -32.57
C LYS D 38 -49.81 16.85 -32.63
N PHE D 39 -49.04 16.89 -31.53
CA PHE D 39 -47.84 17.70 -31.40
C PHE D 39 -46.76 17.21 -32.38
N CYS D 40 -46.72 15.89 -32.60
CA CYS D 40 -45.69 15.25 -33.44
C CYS D 40 -45.99 15.40 -34.94
N ARG D 41 -47.27 15.60 -35.28
CA ARG D 41 -47.70 15.77 -36.68
C ARG D 41 -46.97 16.96 -37.32
N GLU D 42 -46.68 18.00 -36.52
CA GLU D 42 -46.05 19.24 -37.00
C GLU D 42 -44.56 19.28 -36.65
N ALA D 43 -43.92 18.10 -36.50
CA ALA D 43 -42.52 17.99 -36.10
C ALA D 43 -41.61 17.92 -37.33
N ARG D 44 -40.43 18.53 -37.23
CA ARG D 44 -39.48 18.66 -38.34
C ARG D 44 -38.09 18.14 -37.92
N GLY D 45 -37.37 17.55 -38.89
CA GLY D 45 -35.95 17.21 -38.76
C GLY D 45 -35.71 16.11 -37.74
N LYS D 46 -34.80 16.38 -36.80
CA LYS D 46 -34.41 15.41 -35.77
C LYS D 46 -35.61 15.07 -34.87
N GLU D 47 -36.48 16.07 -34.65
CA GLU D 47 -37.66 15.93 -33.81
C GLU D 47 -38.67 14.98 -34.47
N ASN D 48 -38.65 14.94 -35.82
CA ASN D 48 -39.44 13.99 -36.60
C ASN D 48 -38.99 12.56 -36.26
N ARG D 49 -37.66 12.32 -36.33
CA ARG D 49 -37.06 11.01 -36.04
C ARG D 49 -37.39 10.58 -34.60
N LEU D 50 -37.28 11.52 -33.66
CA LEU D 50 -37.64 11.29 -32.25
C LEU D 50 -39.09 10.81 -32.16
N CYS D 51 -39.99 11.51 -32.86
CA CYS D 51 -41.43 11.22 -32.85
C CYS D 51 -41.69 9.82 -33.41
N TYR D 52 -40.85 9.35 -34.33
CA TYR D 52 -40.95 8.01 -34.90
C TYR D 52 -40.46 6.96 -33.89
N TYR D 53 -39.33 7.23 -33.21
CA TYR D 53 -38.71 6.28 -32.28
C TYR D 53 -39.59 6.06 -31.05
N ILE D 54 -40.37 7.09 -30.67
CA ILE D 54 -41.46 6.94 -29.70
C ILE D 54 -42.75 6.78 -30.53
N GLY D 55 -43.75 6.07 -30.00
CA GLY D 55 -44.81 5.48 -30.84
C GLY D 55 -45.80 6.51 -31.35
N ALA D 56 -45.32 7.60 -31.98
CA ALA D 56 -46.16 8.74 -32.36
C ALA D 56 -45.98 9.13 -33.84
N THR D 57 -45.47 8.20 -34.66
CA THR D 57 -45.21 8.44 -36.09
C THR D 57 -46.54 8.52 -36.84
N ALA D 60 -45.05 4.11 -37.09
CA ALA D 60 -45.31 3.64 -35.73
C ALA D 60 -45.56 2.12 -35.74
N ALA D 61 -44.52 1.35 -35.41
CA ALA D 61 -44.57 -0.11 -35.43
C ALA D 61 -44.35 -0.69 -34.03
N THR D 62 -44.45 0.14 -32.97
CA THR D 62 -44.28 -0.28 -31.59
C THR D 62 -45.23 0.54 -30.71
N LYS D 63 -45.62 -0.04 -29.57
CA LYS D 63 -46.47 0.62 -28.57
C LYS D 63 -45.58 1.15 -27.44
N ILE D 64 -44.59 1.97 -27.81
CA ILE D 64 -43.56 2.49 -26.87
C ILE D 64 -43.96 3.89 -26.37
N ILE D 65 -45.03 4.46 -26.94
CA ILE D 65 -45.52 5.79 -26.55
C ILE D 65 -45.99 5.77 -25.08
N ASN D 66 -46.28 4.59 -24.55
CA ASN D 66 -46.65 4.38 -23.14
C ASN D 66 -45.52 4.82 -22.19
N GLU D 67 -44.27 4.68 -22.65
CA GLU D 67 -43.08 5.02 -21.86
C GLU D 67 -42.96 6.55 -21.68
N VAL D 68 -43.67 7.32 -22.52
CA VAL D 68 -43.73 8.78 -22.40
C VAL D 68 -45.00 9.18 -21.62
N SER D 69 -46.16 8.70 -22.09
CA SER D 69 -47.47 9.20 -21.67
C SER D 69 -47.76 8.92 -20.19
N LYS D 70 -47.37 7.74 -19.70
CA LYS D 70 -47.70 7.31 -18.34
C LYS D 70 -46.80 8.02 -17.33
N PRO D 71 -45.45 8.03 -17.48
CA PRO D 71 -44.59 8.84 -16.62
C PRO D 71 -44.94 10.35 -16.61
N LEU D 72 -45.36 10.88 -17.75
CA LEU D 72 -45.73 12.30 -17.89
C LEU D 72 -47.00 12.58 -17.07
N ALA D 73 -47.90 11.61 -17.01
CA ALA D 73 -49.14 11.70 -16.22
C ALA D 73 -48.82 11.88 -14.73
N HIS D 74 -47.73 11.23 -14.27
CA HIS D 74 -47.26 11.30 -12.88
C HIS D 74 -46.24 12.45 -12.71
N HIS D 75 -46.14 13.33 -13.73
CA HIS D 75 -45.31 14.54 -13.72
C HIS D 75 -43.84 14.20 -13.45
N ILE D 76 -43.38 13.08 -14.04
CA ILE D 76 -41.97 12.68 -13.94
C ILE D 76 -41.15 13.62 -14.82
N PRO D 77 -40.03 14.18 -14.32
CA PRO D 77 -39.13 15.00 -15.15
C PRO D 77 -38.72 14.32 -16.46
N VAL D 78 -38.67 15.10 -17.53
CA VAL D 78 -38.41 14.59 -18.89
C VAL D 78 -37.01 13.97 -18.95
N GLU D 79 -36.06 14.50 -18.16
CA GLU D 79 -34.70 13.95 -18.06
C GLU D 79 -34.77 12.46 -17.69
N LYS D 80 -35.57 12.13 -16.68
CA LYS D 80 -35.74 10.74 -16.19
C LYS D 80 -36.46 9.90 -17.25
N ILE D 81 -37.45 10.49 -17.92
CA ILE D 81 -38.25 9.80 -18.94
C ILE D 81 -37.35 9.37 -20.11
N CYS D 82 -36.51 10.30 -20.59
CA CYS D 82 -35.60 10.06 -21.72
C CYS D 82 -34.52 9.04 -21.32
N GLU D 83 -34.02 9.16 -20.08
CA GLU D 83 -33.01 8.25 -19.53
C GLU D 83 -33.56 6.81 -19.52
N LYS D 84 -34.87 6.67 -19.26
CA LYS D 84 -35.56 5.38 -19.26
C LYS D 84 -35.68 4.83 -20.69
N LEU D 85 -36.03 5.71 -21.64
CA LEU D 85 -36.15 5.36 -23.06
C LEU D 85 -34.80 4.90 -23.61
N LYS D 86 -33.71 5.46 -23.08
CA LYS D 86 -32.34 5.07 -23.38
C LYS D 86 -32.20 3.53 -23.30
N LYS D 87 -32.87 2.93 -22.30
CA LYS D 87 -32.85 1.47 -22.07
C LYS D 87 -33.58 0.74 -23.20
N LYS D 88 -34.71 1.29 -23.66
CA LYS D 88 -35.55 0.67 -24.70
C LYS D 88 -34.89 0.83 -26.08
N ASP D 89 -34.54 2.07 -26.45
CA ASP D 89 -33.91 2.37 -27.75
C ASP D 89 -32.75 3.34 -27.51
N SER D 90 -31.56 2.96 -27.99
CA SER D 90 -30.32 3.69 -27.78
C SER D 90 -30.32 5.01 -28.58
N GLN D 91 -30.96 4.99 -29.75
CA GLN D 91 -30.87 6.07 -30.73
C GLN D 91 -31.76 7.26 -30.36
N ILE D 92 -32.68 7.07 -29.40
CA ILE D 92 -33.56 8.14 -28.92
C ILE D 92 -32.72 9.26 -28.29
N CYS D 93 -31.79 8.87 -27.40
CA CYS D 93 -30.97 9.82 -26.65
C CYS D 93 -29.70 10.21 -27.42
N GLU D 94 -29.43 9.53 -28.53
CA GLU D 94 -28.25 9.77 -29.37
C GLU D 94 -28.49 10.98 -30.29
N LEU D 95 -29.77 11.30 -30.53
CA LEU D 95 -30.15 12.42 -31.42
C LEU D 95 -29.67 13.75 -30.83
N LYS D 96 -29.14 14.60 -31.72
CA LYS D 96 -28.72 15.97 -31.42
C LYS D 96 -29.10 16.87 -32.59
N TYR D 97 -29.27 18.17 -32.31
CA TYR D 97 -29.64 19.15 -33.33
C TYR D 97 -28.44 19.45 -34.23
N ASP D 98 -28.63 19.24 -35.55
CA ASP D 98 -27.61 19.48 -36.56
C ASP D 98 -27.69 20.93 -37.03
N ASN D 99 -26.74 21.75 -36.58
CA ASN D 99 -26.61 23.16 -37.00
C ASN D 99 -26.21 23.23 -38.47
N GLN D 100 -26.60 24.31 -39.15
CA GLN D 100 -26.27 24.57 -40.55
C GLN D 100 -24.81 24.98 -40.66
N ILE D 101 -24.11 24.45 -41.68
CA ILE D 101 -22.67 24.55 -41.81
C ILE D 101 -22.33 25.38 -43.05
N ASP D 102 -21.59 26.47 -42.84
CA ASP D 102 -20.99 27.29 -43.88
C ASP D 102 -19.51 26.90 -43.99
N LEU D 103 -19.15 26.25 -45.10
CA LEU D 103 -17.81 25.66 -45.27
C LEU D 103 -16.74 26.78 -45.33
N SER D 104 -17.14 27.99 -45.70
CA SER D 104 -16.20 29.10 -45.89
C SER D 104 -15.75 29.69 -44.55
N THR D 105 -16.50 29.43 -43.46
CA THR D 105 -16.24 30.07 -42.15
C THR D 105 -16.20 29.08 -40.98
N VAL D 106 -16.61 27.82 -41.19
CA VAL D 106 -16.82 26.88 -40.09
C VAL D 106 -15.46 26.44 -39.51
N ASP D 107 -15.43 26.26 -38.18
CA ASP D 107 -14.30 25.69 -37.46
C ASP D 107 -14.52 24.17 -37.37
N LEU D 108 -13.73 23.41 -38.12
CA LEU D 108 -13.90 21.96 -38.24
C LEU D 108 -13.54 21.26 -36.92
N LYS D 109 -12.71 21.92 -36.10
CA LYS D 109 -12.29 21.38 -34.79
C LYS D 109 -13.48 21.30 -33.82
N LYS D 110 -14.49 22.14 -34.01
CA LYS D 110 -15.60 22.26 -33.06
C LYS D 110 -16.81 21.42 -33.50
N LEU D 111 -16.69 20.68 -34.62
CA LEU D 111 -17.78 19.85 -35.13
C LEU D 111 -17.72 18.47 -34.46
N ARG D 112 -18.90 17.87 -34.28
CA ARG D 112 -19.03 16.49 -33.84
C ARG D 112 -18.65 15.58 -35.02
N VAL D 113 -18.38 14.30 -34.70
CA VAL D 113 -17.94 13.31 -35.66
C VAL D 113 -19.01 13.15 -36.75
N LYS D 114 -20.29 13.07 -36.35
CA LYS D 114 -21.40 12.85 -37.27
C LYS D 114 -21.46 13.97 -38.32
N GLU D 115 -21.12 15.20 -37.91
CA GLU D 115 -21.14 16.38 -38.78
C GLU D 115 -20.00 16.29 -39.82
N LEU D 116 -18.81 15.88 -39.36
CA LEU D 116 -17.63 15.74 -40.23
C LEU D 116 -17.88 14.67 -41.29
N LYS D 117 -18.53 13.57 -40.88
CA LYS D 117 -18.88 12.47 -41.79
C LYS D 117 -19.82 12.98 -42.89
N LYS D 118 -20.78 13.84 -42.51
CA LYS D 118 -21.82 14.32 -43.41
C LYS D 118 -21.22 15.20 -44.51
N ILE D 119 -20.22 16.02 -44.15
CA ILE D 119 -19.53 16.89 -45.11
C ILE D 119 -18.92 16.03 -46.23
N LEU D 120 -18.19 14.98 -45.82
CA LEU D 120 -17.56 14.07 -46.76
C LEU D 120 -18.64 13.31 -47.54
N ASP D 121 -19.65 12.83 -46.82
CA ASP D 121 -20.69 11.96 -47.37
C ASP D 121 -21.50 12.70 -48.45
N ASP D 122 -21.68 14.01 -48.27
CA ASP D 122 -22.45 14.85 -49.21
C ASP D 122 -21.65 15.05 -50.52
N TRP D 123 -20.32 15.03 -50.43
CA TRP D 123 -19.44 15.10 -51.60
C TRP D 123 -19.38 13.76 -52.32
N GLY D 124 -19.75 12.69 -51.61
CA GLY D 124 -19.68 11.31 -52.11
C GLY D 124 -18.37 10.64 -51.72
N GLU D 125 -17.71 11.20 -50.71
CA GLU D 125 -16.43 10.71 -50.20
C GLU D 125 -16.65 9.97 -48.89
N MET D 126 -15.74 9.05 -48.58
CA MET D 126 -15.66 8.39 -47.29
C MET D 126 -14.24 8.58 -46.75
N CYS D 127 -14.09 8.38 -45.43
CA CYS D 127 -12.78 8.40 -44.77
C CYS D 127 -12.40 6.96 -44.44
N LYS D 128 -11.84 6.25 -45.43
CA LYS D 128 -11.49 4.84 -45.33
C LYS D 128 -10.27 4.70 -44.40
N GLY D 129 -10.45 3.97 -43.30
CA GLY D 129 -9.40 3.74 -42.31
C GLY D 129 -8.97 5.03 -41.63
N CYS D 130 -9.97 5.81 -41.17
CA CYS D 130 -9.77 7.05 -40.43
C CYS D 130 -10.21 6.84 -38.97
N ALA D 131 -9.21 6.71 -38.08
CA ALA D 131 -9.43 6.31 -36.70
C ALA D 131 -9.83 7.51 -35.84
N GLU D 132 -9.24 8.68 -36.11
CA GLU D 132 -9.37 9.84 -35.25
C GLU D 132 -10.07 10.99 -35.97
N LYS D 133 -10.48 11.98 -35.19
CA LYS D 133 -11.23 13.15 -35.64
C LYS D 133 -10.35 14.00 -36.56
N SER D 134 -9.07 14.12 -36.22
CA SER D 134 -8.10 14.92 -36.98
C SER D 134 -7.89 14.34 -38.39
N ASP D 135 -8.12 13.03 -38.55
CA ASP D 135 -8.05 12.36 -39.87
C ASP D 135 -9.17 12.88 -40.78
N TYR D 136 -10.38 12.99 -40.21
CA TYR D 136 -11.54 13.51 -40.93
C TYR D 136 -11.29 14.97 -41.30
N ILE D 137 -10.69 15.74 -40.37
CA ILE D 137 -10.42 17.17 -40.57
C ILE D 137 -9.38 17.35 -41.68
N ARG D 138 -8.35 16.51 -41.69
CA ARG D 138 -7.29 16.59 -42.70
C ARG D 138 -7.88 16.31 -44.09
N LYS D 139 -8.75 15.30 -44.18
CA LYS D 139 -9.35 14.86 -45.45
C LYS D 139 -10.27 15.95 -46.02
N ILE D 140 -11.00 16.65 -45.15
CA ILE D 140 -11.91 17.72 -45.55
C ILE D 140 -11.11 18.90 -46.12
N ASN D 141 -10.04 19.28 -45.42
CA ASN D 141 -9.14 20.37 -45.85
C ASN D 141 -8.45 20.00 -47.17
N GLU D 142 -8.02 18.74 -47.27
CA GLU D 142 -7.37 18.18 -48.45
C GLU D 142 -8.31 18.27 -49.67
N LEU D 143 -9.58 17.91 -49.47
CA LEU D 143 -10.51 17.69 -50.59
C LEU D 143 -11.40 18.91 -50.86
N MET D 144 -11.41 19.90 -49.96
CA MET D 144 -12.35 21.03 -50.09
C MET D 144 -12.07 21.84 -51.36
N PRO D 145 -10.79 22.13 -51.71
CA PRO D 145 -10.50 22.88 -52.95
C PRO D 145 -11.09 22.26 -54.22
N LYS D 146 -11.30 20.93 -54.21
CA LYS D 146 -11.82 20.19 -55.35
C LYS D 146 -13.36 20.22 -55.37
N TYR D 147 -14.00 20.06 -54.20
CA TYR D 147 -15.46 19.90 -54.09
C TYR D 147 -16.16 21.25 -53.88
N ALA D 148 -15.57 22.12 -53.05
CA ALA D 148 -16.10 23.45 -52.79
C ALA D 148 -14.99 24.50 -52.92
N PRO D 149 -14.57 24.85 -54.16
CA PRO D 149 -13.42 25.72 -54.38
C PRO D 149 -13.60 27.15 -53.81
N LYS D 150 -14.81 27.69 -53.93
CA LYS D 150 -15.15 29.01 -53.44
C LYS D 150 -14.96 29.06 -51.92
N ALA D 151 -15.42 27.99 -51.24
CA ALA D 151 -15.33 27.89 -49.78
C ALA D 151 -13.86 27.79 -49.35
N ALA D 152 -13.10 26.91 -50.00
CA ALA D 152 -11.69 26.66 -49.68
C ALA D 152 -10.86 27.95 -49.85
N SER D 153 -11.19 28.73 -50.89
CA SER D 153 -10.45 29.93 -51.28
C SER D 153 -10.75 31.11 -50.34
N ALA D 154 -11.85 31.02 -49.59
CA ALA D 154 -12.26 32.05 -48.62
C ALA D 154 -11.60 31.80 -47.25
N ARG D 155 -10.72 30.79 -47.17
CA ARG D 155 -9.94 30.47 -45.99
C ARG D 155 -8.45 30.62 -46.33
C1 EDO E . -3.56 0.29 28.61
O1 EDO E . -2.92 1.52 28.23
C2 EDO E . -5.06 0.39 28.37
O2 EDO E . -5.53 -0.77 27.66
C1 EDO F . 5.49 -0.70 -27.23
O1 EDO F . 5.56 0.50 -28.02
C2 EDO F . 4.10 -0.84 -26.62
O2 EDO F . 4.00 -2.09 -25.91
#